data_4JL3
#
_entry.id   4JL3
#
_cell.length_a   100.954
_cell.length_b   100.954
_cell.length_c   99.856
_cell.angle_alpha   90.00
_cell.angle_beta   90.00
_cell.angle_gamma   120.00
#
_symmetry.space_group_name_H-M   'P 31'
#
loop_
_entity.id
_entity.type
_entity.pdbx_description
1 polymer 'Transcriptional regulator, TetR family'
2 polymer 'DNA (31-MER)'
3 polymer 'DNA (31-MER)'
4 water water
#
loop_
_entity_poly.entity_id
_entity_poly.type
_entity_poly.pdbx_seq_one_letter_code
_entity_poly.pdbx_strand_id
1 'polypeptide(L)'
;H(MSE)AS(MSE)TGGQQ(MSE)GRGSRRSEKSRVAIVEATRALLLERGFDGLSIEAVAAKAGVGKQTIYRWWPSRHALV
ADVLLEDADKILAR(MSE)PKTDDVTADLASWAGTLAAALTTRRGHA(MSE)LKTL(MSE)AASLEHEDTAARLREGFSR
PLIESVRDRLRDEDIDADHAQAAADALLGAVVNAVLSEGRSYSRQRAETSARIIVAGLRP
;
A,B,C,D
2 'polydeoxyribonucleotide'
;(DT)(DC)(DA)(DT)(DA)(DA)(DA)(DC)(DG)(DA)(DG)(DA)(DC)(DG)(DG)(DT)(DA)(DC)(DG)(DT)
(DC)(DT)(DC)(DG)(DT)(DC)(DT)(DT)(DG)(DT)(DG)
;
E
3 'polydeoxyribonucleotide'
;(DC)(DA)(DC)(DA)(DA)(DG)(DA)(DC)(DG)(DA)(DG)(DA)(DC)(DG)(DT)(DA)(DC)(DC)(DG)(DT)
(DC)(DT)(DC)(DG)(DT)(DT)(DT)(DA)(DT)(DG)(DA)
;
F
#
# COMPACT_ATOMS: atom_id res chain seq x y z
N SER A 18 -16.17 27.70 24.68
CA SER A 18 -15.33 26.76 23.93
C SER A 18 -14.03 26.39 24.67
N GLU A 19 -13.56 27.24 25.57
CA GLU A 19 -12.39 26.93 26.37
C GLU A 19 -12.70 25.86 27.44
N LYS A 20 -13.96 25.42 27.46
CA LYS A 20 -14.35 24.24 28.22
C LYS A 20 -13.93 22.97 27.45
N SER A 21 -13.90 23.08 26.13
CA SER A 21 -13.45 21.98 25.27
C SER A 21 -11.92 21.90 25.31
N ARG A 22 -11.29 23.07 25.14
CA ARG A 22 -9.83 23.18 25.13
C ARG A 22 -9.20 22.50 26.33
N VAL A 23 -9.91 22.47 27.46
CA VAL A 23 -9.41 21.80 28.66
C VAL A 23 -9.74 20.31 28.68
N ALA A 24 -10.91 19.95 28.14
CA ALA A 24 -11.33 18.55 28.16
C ALA A 24 -10.50 17.74 27.20
N ILE A 25 -9.83 18.44 26.27
CA ILE A 25 -8.96 17.79 25.30
C ILE A 25 -7.59 17.45 25.91
N VAL A 26 -7.07 18.38 26.72
CA VAL A 26 -5.76 18.23 27.36
C VAL A 26 -5.67 17.02 28.27
N GLU A 27 -6.62 16.89 29.18
CA GLU A 27 -6.61 15.77 30.12
C GLU A 27 -6.92 14.44 29.42
N ALA A 28 -7.67 14.51 28.32
CA ALA A 28 -7.93 13.33 27.50
C ALA A 28 -6.64 12.83 26.86
N THR A 29 -5.89 13.77 26.26
CA THR A 29 -4.56 13.49 25.72
C THR A 29 -3.68 12.89 26.79
N ARG A 30 -3.80 13.42 28.01
CA ARG A 30 -2.98 12.98 29.14
C ARG A 30 -3.25 11.51 29.45
N ALA A 31 -4.49 11.26 29.83
CA ALA A 31 -5.01 9.91 30.08
C ALA A 31 -4.58 8.92 29.01
N LEU A 32 -4.81 9.26 27.74
CA LEU A 32 -4.38 8.37 26.64
C LEU A 32 -2.87 8.13 26.62
N LEU A 33 -2.13 9.23 26.69
CA LEU A 33 -0.67 9.24 26.61
C LEU A 33 -0.08 8.31 27.66
N LEU A 34 -0.78 8.19 28.80
CA LEU A 34 -0.38 7.18 29.79
C LEU A 34 -0.41 5.74 29.25
N GLU A 35 -1.59 5.28 28.83
CA GLU A 35 -1.79 3.88 28.45
C GLU A 35 -1.20 3.48 27.09
N ARG A 36 -0.98 4.46 26.21
CA ARG A 36 -0.48 4.14 24.89
C ARG A 36 0.96 4.60 24.65
N GLY A 37 1.38 5.61 25.39
CA GLY A 37 2.68 6.20 25.16
C GLY A 37 2.64 7.12 23.96
N PHE A 38 3.74 7.80 23.69
CA PHE A 38 3.75 8.83 22.65
C PHE A 38 3.44 8.31 21.24
N ASP A 39 4.25 7.36 20.76
CA ASP A 39 4.11 6.82 19.41
C ASP A 39 2.69 6.36 19.09
N GLY A 40 1.98 5.84 20.09
CA GLY A 40 0.64 5.35 19.91
C GLY A 40 -0.46 6.37 20.12
N LEU A 41 -0.11 7.65 20.15
CA LEU A 41 -1.11 8.71 20.31
C LEU A 41 -1.61 9.17 18.95
N SER A 42 -2.90 9.45 18.87
CA SER A 42 -3.49 9.92 17.62
C SER A 42 -4.52 10.95 17.98
N ILE A 43 -4.50 12.07 17.25
CA ILE A 43 -5.52 13.11 17.41
C ILE A 43 -6.92 12.50 17.38
N GLU A 44 -7.09 11.46 16.56
CA GLU A 44 -8.39 10.82 16.41
C GLU A 44 -8.82 10.24 17.74
N ALA A 45 -7.91 9.55 18.41
CA ALA A 45 -8.20 8.91 19.69
C ALA A 45 -8.57 9.94 20.76
N VAL A 46 -7.82 11.03 20.79
CA VAL A 46 -8.08 12.14 21.71
C VAL A 46 -9.46 12.75 21.46
N ALA A 47 -9.79 12.98 20.20
CA ALA A 47 -11.11 13.50 19.87
C ALA A 47 -12.19 12.52 20.32
N ALA A 48 -11.90 11.22 20.20
CA ALA A 48 -12.87 10.20 20.61
C ALA A 48 -13.12 10.18 22.11
N LYS A 49 -12.05 10.27 22.92
CA LYS A 49 -12.24 10.27 24.37
C LYS A 49 -13.07 11.47 24.81
N ALA A 50 -12.75 12.63 24.27
CA ALA A 50 -13.58 13.82 24.49
C ALA A 50 -14.86 13.73 23.64
N GLY A 51 -15.80 14.64 23.87
CA GLY A 51 -17.02 14.65 23.07
C GLY A 51 -16.84 15.60 21.92
N VAL A 52 -15.84 15.32 21.08
CA VAL A 52 -15.34 16.35 20.20
C VAL A 52 -14.94 15.84 18.82
N GLY A 53 -15.11 16.68 17.81
CA GLY A 53 -14.66 16.36 16.48
C GLY A 53 -13.21 16.77 16.39
N LYS A 54 -12.40 15.97 15.72
CA LYS A 54 -10.97 16.29 15.61
C LYS A 54 -10.67 17.74 15.18
N GLN A 55 -11.60 18.35 14.43
CA GLN A 55 -11.45 19.74 13.98
C GLN A 55 -11.34 20.73 15.16
N THR A 56 -12.03 20.42 16.25
CA THR A 56 -11.90 21.21 17.47
C THR A 56 -10.46 21.16 18.01
N ILE A 57 -9.85 19.98 18.00
CA ILE A 57 -8.45 19.87 18.41
C ILE A 57 -7.57 20.65 17.45
N TYR A 58 -7.86 20.57 16.16
CA TYR A 58 -7.03 21.29 15.21
C TYR A 58 -7.24 22.80 15.23
N ARG A 59 -8.29 23.25 15.91
CA ARG A 59 -8.51 24.68 16.01
C ARG A 59 -7.39 25.32 16.84
N TRP A 60 -6.89 24.58 17.83
CA TRP A 60 -5.89 25.10 18.77
C TRP A 60 -4.48 24.49 18.66
N TRP A 61 -4.36 23.33 18.04
CA TRP A 61 -3.06 22.70 17.88
C TRP A 61 -2.91 22.20 16.46
N PRO A 62 -1.75 22.49 15.84
CA PRO A 62 -1.43 22.06 14.46
C PRO A 62 -1.25 20.56 14.35
N SER A 63 -0.94 19.91 15.45
CA SER A 63 -0.44 18.55 15.40
C SER A 63 -0.38 17.88 16.76
N ARG A 64 0.05 16.63 16.75
CA ARG A 64 0.09 15.83 17.98
C ARG A 64 1.17 16.33 18.93
N HIS A 65 2.30 16.73 18.36
CA HIS A 65 3.44 17.23 19.13
C HIS A 65 3.11 18.46 19.97
N ALA A 66 2.40 19.43 19.40
CA ALA A 66 2.03 20.65 20.13
C ALA A 66 1.12 20.38 21.34
N LEU A 67 0.21 19.42 21.18
CA LEU A 67 -0.76 19.05 22.20
C LEU A 67 -0.10 18.30 23.33
N VAL A 68 0.72 17.32 22.94
CA VAL A 68 1.51 16.57 23.93
C VAL A 68 2.39 17.54 24.74
N ALA A 69 3.04 18.46 24.02
CA ALA A 69 3.82 19.53 24.62
C ALA A 69 3.02 20.32 25.65
N ASP A 70 1.82 20.78 25.31
CA ASP A 70 1.02 21.47 26.33
C ASP A 70 0.76 20.59 27.56
N VAL A 71 0.39 19.32 27.35
CA VAL A 71 0.19 18.41 28.49
C VAL A 71 1.43 18.41 29.43
N LEU A 72 2.58 18.12 28.82
CA LEU A 72 3.85 18.11 29.53
C LEU A 72 4.13 19.42 30.27
N LEU A 73 3.93 20.55 29.60
CA LEU A 73 4.20 21.86 30.20
C LEU A 73 3.34 22.06 31.44
N GLU A 74 2.06 21.69 31.33
CA GLU A 74 1.18 21.75 32.49
C GLU A 74 1.67 20.78 33.57
N ASP A 75 2.48 19.80 33.20
CA ASP A 75 3.08 18.94 34.22
C ASP A 75 4.59 19.14 34.50
N ALA A 76 5.13 20.28 34.11
CA ALA A 76 6.51 20.64 34.42
C ALA A 76 6.87 20.39 35.89
N ASP A 77 5.93 20.66 36.79
CA ASP A 77 6.20 20.64 38.23
C ASP A 77 6.47 19.25 38.82
N LYS A 78 6.18 18.20 38.05
CA LYS A 78 6.49 16.83 38.48
C LYS A 78 7.96 16.52 38.22
N ILE A 79 8.63 17.41 37.48
CA ILE A 79 10.04 17.22 37.12
C ILE A 79 10.94 18.26 37.76
N LEU A 80 10.57 19.54 37.63
CA LEU A 80 11.36 20.62 38.19
C LEU A 80 11.04 20.77 39.69
N ALA A 81 12.07 20.96 40.50
CA ALA A 81 11.84 21.38 41.88
C ALA A 81 12.77 22.53 42.25
N ARG A 82 12.24 23.43 43.07
CA ARG A 82 12.96 24.63 43.50
C ARG A 82 14.37 24.30 43.97
N PRO A 84 17.23 24.37 46.42
CA PRO A 84 17.51 24.70 47.83
C PRO A 84 18.54 25.81 47.94
N LYS A 85 18.30 26.81 48.78
CA LYS A 85 19.31 27.80 49.06
C LYS A 85 19.71 27.86 50.54
N THR A 86 20.79 27.19 50.88
CA THR A 86 21.37 27.28 52.23
C THR A 86 22.81 27.81 52.19
N ASP A 87 23.52 27.59 53.29
N ASP A 87 23.54 27.65 53.29
CA ASP A 87 24.90 28.04 53.50
CA ASP A 87 24.92 28.13 53.37
C ASP A 87 25.94 27.06 52.96
C ASP A 87 25.93 27.13 52.79
N ASP A 88 25.46 25.98 52.36
CA ASP A 88 26.33 24.94 51.82
C ASP A 88 25.96 24.60 50.36
N VAL A 89 26.73 25.14 49.41
CA VAL A 89 26.42 24.99 47.99
C VAL A 89 26.46 23.55 47.50
N THR A 90 27.49 22.82 47.93
CA THR A 90 27.63 21.42 47.57
C THR A 90 26.37 20.68 47.97
N ALA A 91 25.85 20.97 49.16
CA ALA A 91 24.65 20.29 49.62
C ALA A 91 23.46 20.68 48.75
N ASP A 92 23.37 21.96 48.39
CA ASP A 92 22.24 22.46 47.65
C ASP A 92 22.16 21.79 46.30
N LEU A 93 23.25 21.92 45.54
CA LEU A 93 23.37 21.29 44.23
C LEU A 93 23.26 19.77 44.25
N ALA A 94 23.88 19.12 45.24
CA ALA A 94 23.77 17.66 45.34
C ALA A 94 22.33 17.26 45.56
N SER A 95 21.64 18.05 46.37
CA SER A 95 20.26 17.79 46.72
C SER A 95 19.40 17.93 45.49
N TRP A 96 19.65 19.00 44.73
CA TRP A 96 18.90 19.31 43.54
C TRP A 96 19.05 18.21 42.52
N ALA A 97 20.29 17.90 42.17
CA ALA A 97 20.60 16.86 41.21
C ALA A 97 20.05 15.49 41.64
N GLY A 98 20.11 15.20 42.94
CA GLY A 98 19.56 13.95 43.40
C GLY A 98 18.06 13.89 43.27
N THR A 99 17.41 15.00 43.57
CA THR A 99 15.96 15.07 43.48
C THR A 99 15.47 14.96 42.03
N LEU A 100 16.14 15.69 41.13
CA LEU A 100 15.81 15.63 39.71
C LEU A 100 16.05 14.20 39.22
N ALA A 101 17.15 13.61 39.69
CA ALA A 101 17.51 12.25 39.29
C ALA A 101 16.44 11.23 39.72
N ALA A 102 15.96 11.36 40.95
CA ALA A 102 14.89 10.49 41.41
C ALA A 102 13.66 10.71 40.56
N ALA A 103 13.38 11.98 40.29
CA ALA A 103 12.17 12.37 39.59
C ALA A 103 12.13 11.80 38.18
N LEU A 104 13.32 11.66 37.58
CA LEU A 104 13.46 11.26 36.19
C LEU A 104 13.55 9.74 36.01
N THR A 105 13.54 9.00 37.11
CA THR A 105 13.68 7.55 37.06
C THR A 105 12.64 6.86 37.91
N THR A 106 11.62 7.61 38.34
CA THR A 106 10.51 6.99 39.06
C THR A 106 9.91 5.85 38.25
N ARG A 107 9.11 6.20 37.25
CA ARG A 107 8.38 5.23 36.45
C ARG A 107 7.56 6.03 35.47
N ARG A 108 6.76 6.94 36.03
CA ARG A 108 6.01 7.90 35.24
C ARG A 108 6.99 8.98 34.77
N GLY A 109 8.06 9.20 35.53
CA GLY A 109 9.07 10.20 35.23
C GLY A 109 9.95 9.82 34.04
N HIS A 110 10.35 8.56 33.99
CA HIS A 110 11.06 8.06 32.83
C HIS A 110 10.19 8.21 31.58
N ALA A 111 8.96 7.71 31.67
CA ALA A 111 8.02 7.78 30.55
C ALA A 111 7.86 9.23 30.08
N LEU A 113 9.99 11.69 30.50
CA LEU A 113 11.23 12.17 29.91
C LEU A 113 11.33 11.69 28.46
N LYS A 114 10.97 10.43 28.25
CA LYS A 114 11.02 9.86 26.91
C LYS A 114 10.06 10.59 25.99
N THR A 115 8.83 10.81 26.45
CA THR A 115 7.81 11.52 25.68
C THR A 115 8.28 12.92 25.36
N LEU A 116 8.99 13.51 26.30
CA LEU A 116 9.50 14.87 26.16
C LEU A 116 10.55 14.90 25.06
N ALA A 118 10.99 12.62 22.57
CA ALA A 118 10.36 12.27 21.30
C ALA A 118 9.63 13.48 20.75
N ALA A 119 8.78 14.06 21.59
CA ALA A 119 7.99 15.22 21.22
C ALA A 119 8.90 16.31 20.72
N SER A 120 10.05 16.50 21.37
CA SER A 120 11.01 17.50 20.87
C SER A 120 11.57 17.13 19.50
N LEU A 121 11.89 15.86 19.29
CA LEU A 121 12.56 15.47 18.04
C LEU A 121 11.61 15.57 16.86
N GLU A 122 10.33 15.32 17.12
CA GLU A 122 9.30 15.37 16.07
C GLU A 122 9.19 16.73 15.37
N HIS A 123 9.45 17.83 16.09
CA HIS A 123 9.42 19.16 15.48
C HIS A 123 10.19 20.23 16.25
N GLU A 124 10.96 21.01 15.50
CA GLU A 124 11.81 22.07 16.03
C GLU A 124 11.11 23.07 16.95
N ASP A 125 9.94 23.55 16.53
CA ASP A 125 9.17 24.52 17.32
C ASP A 125 8.85 23.92 18.69
N THR A 126 8.49 22.64 18.70
CA THR A 126 8.17 21.95 19.95
C THR A 126 9.41 21.73 20.81
N ALA A 127 10.53 21.39 20.19
CA ALA A 127 11.77 21.26 20.95
C ALA A 127 12.09 22.61 21.59
N ALA A 128 11.72 23.71 20.93
CA ALA A 128 11.97 25.02 21.52
C ALA A 128 11.03 25.34 22.68
N ARG A 129 9.73 25.05 22.55
CA ARG A 129 8.84 25.26 23.71
C ARG A 129 9.22 24.37 24.92
N LEU A 130 9.62 23.13 24.65
CA LEU A 130 10.01 22.22 25.72
C LEU A 130 11.34 22.60 26.36
N ARG A 131 12.31 23.00 25.53
CA ARG A 131 13.56 23.57 26.04
C ARG A 131 13.28 24.81 26.89
N GLU A 132 12.28 25.60 26.51
CA GLU A 132 12.01 26.86 27.20
C GLU A 132 11.30 26.61 28.51
N GLY A 133 10.54 25.53 28.60
CA GLY A 133 9.82 25.27 29.83
C GLY A 133 10.46 24.22 30.74
N PHE A 134 11.53 23.58 30.29
CA PHE A 134 12.13 22.49 31.07
C PHE A 134 13.62 22.64 31.23
N SER A 135 14.34 22.46 30.13
CA SER A 135 15.79 22.56 30.15
C SER A 135 16.26 23.94 30.68
N ARG A 136 15.77 25.01 30.06
CA ARG A 136 16.11 26.38 30.45
C ARG A 136 15.97 26.73 31.96
N PRO A 137 14.82 26.43 32.61
CA PRO A 137 14.74 26.75 34.05
C PRO A 137 15.64 25.89 34.94
N LEU A 138 15.98 24.68 34.49
CA LEU A 138 16.92 23.84 35.22
C LEU A 138 18.31 24.45 35.17
N ILE A 139 18.80 24.61 33.94
CA ILE A 139 20.04 25.34 33.70
C ILE A 139 20.12 26.64 34.50
N GLU A 140 19.05 27.44 34.48
CA GLU A 140 19.10 28.77 35.10
C GLU A 140 19.02 28.66 36.63
N SER A 141 18.38 27.61 37.13
CA SER A 141 18.39 27.38 38.57
C SER A 141 19.83 27.11 39.01
N VAL A 142 20.56 26.30 38.23
CA VAL A 142 21.98 26.09 38.59
C VAL A 142 22.88 27.34 38.40
N ARG A 143 22.73 28.04 37.28
CA ARG A 143 23.54 29.22 37.03
C ARG A 143 23.32 30.24 38.11
N ASP A 144 22.08 30.40 38.50
CA ASP A 144 21.73 31.39 39.51
C ASP A 144 22.29 30.97 40.89
N ARG A 145 22.13 29.70 41.26
CA ARG A 145 22.69 29.22 42.53
C ARG A 145 24.21 29.43 42.60
N LEU A 146 24.87 29.38 41.45
CA LEU A 146 26.32 29.62 41.41
C LEU A 146 26.67 31.10 41.41
N ARG A 147 25.87 31.89 40.71
CA ARG A 147 26.07 33.33 40.65
C ARG A 147 25.93 33.88 42.06
N ASP A 148 25.17 33.17 42.89
CA ASP A 148 25.09 33.51 44.31
C ASP A 148 26.40 33.32 45.08
N GLU A 149 27.35 32.60 44.50
CA GLU A 149 28.64 32.38 45.16
C GLU A 149 29.77 33.13 44.46
N ASP A 150 29.42 34.06 43.59
CA ASP A 150 30.38 34.91 42.89
C ASP A 150 31.28 34.11 41.97
N ILE A 151 30.67 33.12 41.32
CA ILE A 151 31.34 32.35 40.29
C ILE A 151 31.15 33.01 38.92
N ASP A 152 32.24 33.07 38.16
CA ASP A 152 32.26 33.40 36.74
C ASP A 152 31.07 32.84 35.91
N ALA A 153 30.52 33.70 35.05
CA ALA A 153 29.43 33.33 34.15
C ALA A 153 29.73 32.13 33.23
N ASP A 154 30.91 32.14 32.64
CA ASP A 154 31.37 31.01 31.85
C ASP A 154 31.44 29.73 32.68
N HIS A 155 31.94 29.86 33.91
CA HIS A 155 32.12 28.69 34.77
C HIS A 155 30.78 28.22 35.33
N ALA A 156 29.90 29.17 35.63
CA ALA A 156 28.53 28.84 36.07
C ALA A 156 27.74 28.13 34.95
N GLN A 157 27.82 28.64 33.74
CA GLN A 157 27.24 27.97 32.59
C GLN A 157 27.81 26.56 32.39
N ALA A 158 29.14 26.44 32.38
CA ALA A 158 29.78 25.15 32.12
C ALA A 158 29.43 24.11 33.20
N ALA A 159 29.37 24.57 34.44
CA ALA A 159 29.00 23.70 35.56
C ALA A 159 27.55 23.27 35.47
N ALA A 160 26.70 24.18 34.99
CA ALA A 160 25.30 23.87 34.75
C ALA A 160 25.10 22.80 33.68
N ASP A 161 25.72 23.05 32.53
CA ASP A 161 25.80 22.08 31.43
C ASP A 161 26.21 20.74 31.98
N ALA A 162 27.21 20.76 32.87
CA ALA A 162 27.81 19.51 33.35
C ALA A 162 26.93 18.71 34.30
N LEU A 163 26.24 19.40 35.22
CA LEU A 163 25.35 18.70 36.18
C LEU A 163 24.04 18.23 35.55
N LEU A 164 23.30 19.19 34.97
CA LEU A 164 22.06 18.83 34.31
C LEU A 164 22.40 17.77 33.26
N GLY A 165 23.43 18.06 32.48
CA GLY A 165 23.86 17.18 31.41
C GLY A 165 24.08 15.78 31.92
N ALA A 166 24.89 15.63 32.98
CA ALA A 166 25.15 14.30 33.53
C ALA A 166 23.84 13.59 33.80
N VAL A 167 22.96 14.24 34.55
CA VAL A 167 21.74 13.54 34.97
C VAL A 167 20.88 13.09 33.78
N VAL A 168 20.56 14.06 32.92
CA VAL A 168 19.65 13.84 31.82
C VAL A 168 20.20 12.82 30.83
N ASN A 169 21.43 13.05 30.38
CA ASN A 169 22.09 12.13 29.46
C ASN A 169 22.12 10.72 30.02
N ALA A 170 22.49 10.60 31.30
CA ALA A 170 22.59 9.27 31.85
C ALA A 170 21.23 8.58 31.95
N VAL A 171 20.18 9.31 32.30
CA VAL A 171 18.88 8.63 32.40
C VAL A 171 18.37 8.26 31.01
N LEU A 172 18.74 9.04 30.00
CA LEU A 172 18.41 8.68 28.63
C LEU A 172 19.21 7.45 28.11
N SER A 173 20.47 7.31 28.54
CA SER A 173 21.32 6.22 28.03
C SER A 173 21.08 4.91 28.73
N GLU A 174 21.09 4.94 30.06
CA GLU A 174 20.78 3.76 30.86
C GLU A 174 19.31 3.83 31.23
N GLY A 175 18.81 2.81 31.90
CA GLY A 175 17.38 2.74 32.14
C GLY A 175 16.88 3.71 33.18
N ARG A 176 16.13 3.16 34.12
CA ARG A 176 15.71 3.85 35.32
C ARG A 176 16.67 3.40 36.44
N SER A 177 17.73 2.71 36.04
CA SER A 177 18.71 2.16 36.97
C SER A 177 19.72 3.20 37.46
N TYR A 178 19.77 4.34 36.77
CA TYR A 178 20.59 5.48 37.18
C TYR A 178 20.21 5.92 38.59
N SER A 179 21.21 6.21 39.42
CA SER A 179 20.95 6.42 40.84
C SER A 179 21.25 7.82 41.35
N ARG A 180 20.51 8.20 42.40
CA ARG A 180 20.72 9.43 43.15
C ARG A 180 22.19 9.72 43.42
N GLN A 181 22.88 8.72 43.96
CA GLN A 181 24.26 8.87 44.42
C GLN A 181 25.20 9.29 43.29
N ARG A 182 24.92 8.87 42.06
CA ARG A 182 25.76 9.24 40.94
C ARG A 182 25.62 10.71 40.63
N ALA A 183 24.38 11.16 40.48
CA ALA A 183 24.11 12.57 40.24
C ALA A 183 24.72 13.42 41.36
N GLU A 184 24.34 13.11 42.60
CA GLU A 184 24.91 13.78 43.78
C GLU A 184 26.42 13.88 43.71
N THR A 185 27.07 12.76 43.38
CA THR A 185 28.54 12.70 43.26
C THR A 185 29.11 13.60 42.18
N SER A 186 28.47 13.63 41.01
CA SER A 186 28.87 14.54 39.94
C SER A 186 28.73 15.97 40.45
N ALA A 187 27.72 16.21 41.29
CA ALA A 187 27.52 17.55 41.85
C ALA A 187 28.68 17.93 42.75
N ARG A 188 28.99 17.09 43.74
CA ARG A 188 30.15 17.34 44.60
C ARG A 188 31.45 17.54 43.82
N ILE A 189 31.67 16.72 42.79
CA ILE A 189 32.85 16.85 41.94
C ILE A 189 32.92 18.19 41.19
N ILE A 190 31.84 18.53 40.51
CA ILE A 190 31.75 19.79 39.76
C ILE A 190 31.98 21.01 40.68
N VAL A 191 31.29 20.99 41.82
CA VAL A 191 31.40 22.10 42.76
C VAL A 191 32.83 22.19 43.32
N ALA A 192 33.40 21.06 43.71
CA ALA A 192 34.77 21.01 44.17
C ALA A 192 35.68 21.61 43.13
N GLY A 193 35.34 21.38 41.86
CA GLY A 193 36.14 21.89 40.76
C GLY A 193 35.95 23.38 40.55
N LEU A 194 34.89 23.92 41.11
CA LEU A 194 34.74 25.38 41.04
C LEU A 194 35.62 26.18 42.03
N ARG A 195 36.41 25.48 42.85
CA ARG A 195 37.24 26.15 43.86
C ARG A 195 38.63 26.58 43.36
N PRO A 196 39.11 27.76 43.83
CA PRO A 196 40.46 28.27 43.54
C PRO A 196 41.55 27.60 44.36
N ARG B 16 18.13 -28.20 -27.25
CA ARG B 16 17.39 -29.00 -26.27
C ARG B 16 16.38 -28.16 -25.48
N ARG B 17 15.74 -28.82 -24.50
CA ARG B 17 14.57 -28.29 -23.80
C ARG B 17 14.10 -29.40 -22.87
N SER B 18 13.63 -29.05 -21.68
CA SER B 18 13.23 -30.08 -20.72
C SER B 18 11.75 -30.38 -20.86
N GLU B 19 11.43 -31.63 -21.19
CA GLU B 19 10.03 -32.04 -21.32
C GLU B 19 9.35 -32.11 -19.97
N LYS B 20 10.09 -32.53 -18.94
CA LYS B 20 9.55 -32.65 -17.59
C LYS B 20 9.08 -31.29 -17.08
N SER B 21 9.93 -30.30 -17.28
CA SER B 21 9.63 -28.93 -16.87
C SER B 21 8.40 -28.46 -17.63
N ARG B 22 8.36 -28.76 -18.93
CA ARG B 22 7.26 -28.29 -19.79
C ARG B 22 5.92 -28.86 -19.37
N VAL B 23 5.85 -30.19 -19.20
CA VAL B 23 4.64 -30.83 -18.72
C VAL B 23 4.25 -30.30 -17.33
N ALA B 24 5.25 -30.07 -16.48
CA ALA B 24 4.99 -29.48 -15.17
C ALA B 24 4.28 -28.11 -15.28
N ILE B 25 4.83 -27.24 -16.12
CA ILE B 25 4.31 -25.90 -16.32
C ILE B 25 2.89 -25.91 -16.90
N VAL B 26 2.70 -26.60 -18.01
CA VAL B 26 1.38 -26.79 -18.59
C VAL B 26 0.35 -27.37 -17.59
N GLU B 27 0.76 -28.36 -16.78
CA GLU B 27 -0.17 -28.95 -15.82
C GLU B 27 -0.53 -27.95 -14.71
N ALA B 28 0.45 -27.15 -14.31
CA ALA B 28 0.24 -26.15 -13.26
C ALA B 28 -0.67 -25.04 -13.78
N THR B 29 -0.51 -24.72 -15.06
CA THR B 29 -1.31 -23.69 -15.71
C THR B 29 -2.74 -24.16 -15.84
N ARG B 30 -2.91 -25.43 -16.21
CA ARG B 30 -4.26 -25.99 -16.23
C ARG B 30 -4.88 -25.92 -14.84
N ALA B 31 -4.27 -26.61 -13.88
CA ALA B 31 -4.87 -26.67 -12.54
C ALA B 31 -5.17 -25.28 -11.96
N LEU B 32 -4.27 -24.33 -12.18
CA LEU B 32 -4.48 -22.95 -11.71
C LEU B 32 -5.63 -22.23 -12.43
N LEU B 33 -5.73 -22.44 -13.73
CA LEU B 33 -6.90 -21.93 -14.48
C LEU B 33 -8.18 -22.46 -13.87
N LEU B 34 -8.25 -23.77 -13.71
CA LEU B 34 -9.39 -24.43 -13.07
C LEU B 34 -9.75 -23.88 -11.69
N GLU B 35 -8.74 -23.70 -10.83
CA GLU B 35 -9.02 -23.31 -9.46
C GLU B 35 -9.29 -21.81 -9.26
N ARG B 36 -8.64 -20.97 -10.06
CA ARG B 36 -8.65 -19.52 -9.81
C ARG B 36 -9.13 -18.67 -10.98
N GLY B 37 -9.48 -19.31 -12.09
CA GLY B 37 -9.84 -18.59 -13.30
C GLY B 37 -8.65 -17.86 -13.90
N PHE B 38 -8.86 -17.26 -15.07
CA PHE B 38 -7.77 -16.60 -15.81
C PHE B 38 -7.21 -15.38 -15.08
N ASP B 39 -8.08 -14.53 -14.56
CA ASP B 39 -7.66 -13.30 -13.88
C ASP B 39 -6.82 -13.63 -12.64
N GLY B 40 -7.04 -14.80 -12.06
CA GLY B 40 -6.37 -15.17 -10.82
C GLY B 40 -5.09 -15.97 -11.02
N LEU B 41 -4.67 -16.09 -12.27
CA LEU B 41 -3.48 -16.86 -12.65
C LEU B 41 -2.26 -15.95 -12.72
N SER B 42 -1.26 -16.20 -11.87
CA SER B 42 0.00 -15.49 -12.02
C SER B 42 1.06 -16.45 -12.53
N ILE B 43 2.02 -15.92 -13.27
CA ILE B 43 3.16 -16.71 -13.72
C ILE B 43 3.93 -17.30 -12.53
N GLU B 44 4.24 -16.47 -11.53
CA GLU B 44 5.02 -16.93 -10.39
C GLU B 44 4.35 -18.12 -9.70
N ALA B 45 3.03 -18.06 -9.65
CA ALA B 45 2.24 -19.15 -9.11
C ALA B 45 2.47 -20.40 -9.94
N VAL B 46 2.34 -20.28 -11.26
CA VAL B 46 2.53 -21.44 -12.15
C VAL B 46 3.91 -22.08 -11.92
N ALA B 47 4.94 -21.25 -11.98
CA ALA B 47 6.31 -21.66 -11.73
C ALA B 47 6.46 -22.41 -10.42
N ALA B 48 5.95 -21.82 -9.33
CA ALA B 48 6.08 -22.40 -8.00
C ALA B 48 5.35 -23.75 -7.88
N LYS B 49 4.12 -23.82 -8.38
CA LYS B 49 3.37 -25.08 -8.35
C LYS B 49 4.00 -26.14 -9.25
N ALA B 50 4.73 -25.72 -10.27
CA ALA B 50 5.37 -26.67 -11.18
C ALA B 50 6.78 -27.07 -10.72
N GLY B 51 7.30 -26.35 -9.72
CA GLY B 51 8.64 -26.62 -9.23
C GLY B 51 9.69 -26.12 -10.21
N VAL B 52 9.31 -25.15 -11.03
CA VAL B 52 10.15 -24.64 -12.08
C VAL B 52 10.63 -23.23 -11.75
N GLY B 53 11.68 -22.76 -12.43
CA GLY B 53 12.10 -21.36 -12.32
C GLY B 53 11.34 -20.58 -13.37
N LYS B 54 10.87 -19.39 -13.03
CA LYS B 54 9.96 -18.70 -13.94
C LYS B 54 10.60 -18.28 -15.26
N GLN B 55 11.93 -18.20 -15.30
CA GLN B 55 12.60 -17.82 -16.54
C GLN B 55 12.34 -18.87 -17.61
N THR B 56 12.25 -20.13 -17.19
CA THR B 56 12.02 -21.23 -18.11
C THR B 56 10.60 -21.18 -18.68
N ILE B 57 9.76 -20.30 -18.12
CA ILE B 57 8.45 -20.01 -18.72
C ILE B 57 8.59 -18.88 -19.74
N TYR B 58 9.37 -17.85 -19.39
CA TYR B 58 9.54 -16.73 -20.31
C TYR B 58 10.37 -17.12 -21.54
N ARG B 59 11.25 -18.10 -21.37
CA ARG B 59 12.17 -18.53 -22.40
C ARG B 59 11.45 -19.14 -23.59
N TRP B 60 10.38 -19.88 -23.31
CA TRP B 60 9.67 -20.63 -24.32
C TRP B 60 8.31 -20.06 -24.73
N TRP B 61 7.77 -19.13 -23.94
CA TRP B 61 6.50 -18.46 -24.26
C TRP B 61 6.62 -16.94 -24.19
N PRO B 62 6.05 -16.24 -25.17
CA PRO B 62 6.26 -14.79 -25.24
C PRO B 62 5.46 -14.04 -24.20
N SER B 63 4.36 -14.63 -23.71
CA SER B 63 3.53 -14.01 -22.67
C SER B 63 2.59 -14.99 -21.96
N ARG B 64 2.01 -14.52 -20.85
CA ARG B 64 1.04 -15.27 -20.04
C ARG B 64 -0.13 -15.75 -20.89
N HIS B 65 -0.58 -14.86 -21.79
CA HIS B 65 -1.71 -15.10 -22.67
C HIS B 65 -1.39 -16.22 -23.66
N ALA B 66 -0.21 -16.19 -24.26
CA ALA B 66 0.17 -17.23 -25.23
C ALA B 66 0.25 -18.58 -24.53
N LEU B 67 0.76 -18.59 -23.30
CA LEU B 67 0.92 -19.83 -22.54
C LEU B 67 -0.45 -20.44 -22.30
N VAL B 68 -1.34 -19.62 -21.76
CA VAL B 68 -2.73 -20.01 -21.55
C VAL B 68 -3.40 -20.50 -22.85
N ALA B 69 -3.09 -19.83 -23.96
CA ALA B 69 -3.63 -20.16 -25.26
C ALA B 69 -3.22 -21.57 -25.59
N ASP B 70 -1.91 -21.84 -25.56
CA ASP B 70 -1.37 -23.16 -25.77
C ASP B 70 -2.11 -24.18 -24.93
N VAL B 71 -2.23 -23.90 -23.64
CA VAL B 71 -2.94 -24.83 -22.76
C VAL B 71 -4.37 -25.16 -23.26
N LEU B 72 -5.10 -24.13 -23.64
CA LEU B 72 -6.46 -24.31 -24.14
C LEU B 72 -6.48 -25.17 -25.42
N LEU B 73 -5.67 -24.77 -26.40
CA LEU B 73 -5.54 -25.49 -27.65
C LEU B 73 -5.20 -26.96 -27.43
N GLU B 74 -4.25 -27.23 -26.54
CA GLU B 74 -3.89 -28.60 -26.18
C GLU B 74 -5.10 -29.30 -25.61
N ASP B 75 -5.98 -28.54 -24.95
CA ASP B 75 -7.22 -29.17 -24.50
C ASP B 75 -8.40 -29.11 -25.50
N ALA B 76 -8.15 -28.61 -26.71
CA ALA B 76 -9.25 -28.28 -27.64
C ALA B 76 -10.23 -29.40 -27.94
N ASP B 77 -9.78 -30.65 -27.80
CA ASP B 77 -10.57 -31.79 -28.22
C ASP B 77 -11.71 -32.10 -27.23
N LYS B 78 -11.66 -31.46 -26.06
CA LYS B 78 -12.71 -31.64 -25.05
C LYS B 78 -13.97 -30.86 -25.45
N ILE B 79 -13.83 -29.98 -26.44
CA ILE B 79 -14.87 -29.03 -26.81
C ILE B 79 -15.27 -29.18 -28.27
N LEU B 80 -14.26 -29.32 -29.13
CA LEU B 80 -14.47 -29.50 -30.56
C LEU B 80 -14.93 -30.92 -30.87
N ALA B 81 -16.21 -31.09 -31.14
CA ALA B 81 -16.74 -32.41 -31.48
C ALA B 81 -17.14 -32.47 -32.96
N ARG B 82 -16.90 -33.60 -33.60
CA ARG B 82 -17.16 -33.71 -35.03
C ARG B 82 -18.66 -33.76 -35.31
N PRO B 84 -21.92 -34.87 -36.60
CA PRO B 84 -22.51 -36.09 -37.15
C PRO B 84 -23.18 -35.76 -38.49
N LYS B 85 -23.04 -36.65 -39.46
CA LYS B 85 -23.61 -36.43 -40.78
C LYS B 85 -24.49 -37.60 -41.17
N THR B 86 -25.71 -37.60 -40.69
CA THR B 86 -26.68 -38.62 -41.06
C THR B 86 -27.70 -38.03 -42.04
N ASP B 87 -28.92 -38.57 -42.00
CA ASP B 87 -29.95 -38.24 -42.97
C ASP B 87 -30.81 -37.06 -42.53
N ASP B 88 -30.93 -36.88 -41.21
CA ASP B 88 -31.73 -35.80 -40.64
C ASP B 88 -30.83 -34.66 -40.17
N VAL B 89 -30.73 -33.60 -40.98
CA VAL B 89 -29.89 -32.46 -40.65
C VAL B 89 -30.29 -31.83 -39.31
N THR B 90 -31.58 -31.88 -39.02
CA THR B 90 -32.09 -31.36 -37.77
C THR B 90 -31.51 -32.12 -36.59
N ALA B 91 -31.70 -33.44 -36.57
CA ALA B 91 -31.20 -34.25 -35.47
C ALA B 91 -29.68 -34.13 -35.31
N ASP B 92 -29.00 -33.90 -36.43
CA ASP B 92 -27.55 -33.75 -36.42
C ASP B 92 -27.15 -32.46 -35.72
N LEU B 93 -27.62 -31.34 -36.26
CA LEU B 93 -27.31 -30.05 -35.65
C LEU B 93 -27.75 -29.99 -34.19
N ALA B 94 -28.88 -30.58 -33.85
CA ALA B 94 -29.34 -30.60 -32.46
C ALA B 94 -28.45 -31.49 -31.56
N SER B 95 -28.03 -32.62 -32.11
CA SER B 95 -27.12 -33.53 -31.43
C SER B 95 -25.85 -32.79 -31.06
N TRP B 96 -25.30 -32.15 -32.08
CA TRP B 96 -24.07 -31.41 -31.95
C TRP B 96 -24.21 -30.23 -30.97
N ALA B 97 -25.30 -29.47 -31.06
CA ALA B 97 -25.50 -28.34 -30.16
C ALA B 97 -25.61 -28.78 -28.71
N GLY B 98 -26.45 -29.78 -28.46
CA GLY B 98 -26.60 -30.29 -27.11
C GLY B 98 -25.30 -30.87 -26.57
N THR B 99 -24.53 -31.47 -27.46
CA THR B 99 -23.25 -32.05 -27.06
C THR B 99 -22.27 -30.96 -26.65
N LEU B 100 -22.20 -29.92 -27.46
CA LEU B 100 -21.36 -28.78 -27.20
C LEU B 100 -21.75 -28.12 -25.87
N ALA B 101 -23.06 -27.94 -25.68
CA ALA B 101 -23.59 -27.27 -24.49
C ALA B 101 -23.37 -28.12 -23.26
N ALA B 102 -23.29 -29.42 -23.45
CA ALA B 102 -22.99 -30.32 -22.35
C ALA B 102 -21.49 -30.25 -22.01
N ALA B 103 -20.66 -30.09 -23.05
CA ALA B 103 -19.22 -30.07 -22.85
C ALA B 103 -18.70 -28.75 -22.28
N LEU B 104 -19.44 -27.67 -22.52
CA LEU B 104 -19.07 -26.36 -21.99
C LEU B 104 -19.68 -26.13 -20.59
N THR B 105 -20.35 -27.15 -20.07
CA THR B 105 -21.17 -27.03 -18.87
C THR B 105 -20.56 -27.72 -17.62
N THR B 106 -19.49 -28.48 -17.84
CA THR B 106 -18.69 -29.02 -16.76
C THR B 106 -17.80 -27.91 -16.26
N ARG B 107 -17.27 -28.03 -15.05
CA ARG B 107 -16.35 -27.00 -14.52
C ARG B 107 -15.19 -26.70 -15.48
N ARG B 108 -14.77 -27.74 -16.18
CA ARG B 108 -13.66 -27.65 -17.11
C ARG B 108 -14.07 -26.92 -18.39
N GLY B 109 -15.15 -27.36 -19.02
CA GLY B 109 -15.59 -26.73 -20.26
C GLY B 109 -15.90 -25.27 -20.01
N HIS B 110 -16.60 -25.02 -18.92
CA HIS B 110 -16.98 -23.68 -18.52
C HIS B 110 -15.76 -22.79 -18.28
N ALA B 111 -14.80 -23.30 -17.52
CA ALA B 111 -13.55 -22.59 -17.28
C ALA B 111 -12.79 -22.29 -18.57
N LEU B 113 -14.18 -21.88 -21.46
CA LEU B 113 -14.94 -20.88 -22.17
C LEU B 113 -14.62 -19.49 -21.62
N LYS B 114 -14.76 -19.35 -20.30
CA LYS B 114 -14.46 -18.08 -19.64
C LYS B 114 -13.03 -17.65 -19.94
N THR B 115 -12.09 -18.59 -19.88
CA THR B 115 -10.69 -18.29 -20.19
C THR B 115 -10.44 -17.86 -21.63
N LEU B 116 -11.02 -18.61 -22.58
CA LEU B 116 -10.99 -18.24 -23.99
C LEU B 116 -11.46 -16.81 -24.21
N ALA B 118 -11.71 -14.27 -21.74
CA ALA B 118 -10.84 -13.30 -21.04
C ALA B 118 -9.55 -13.02 -21.79
N ALA B 119 -8.88 -14.12 -22.13
CA ALA B 119 -7.62 -14.06 -22.85
C ALA B 119 -7.79 -13.39 -24.19
N SER B 120 -8.84 -13.74 -24.92
CA SER B 120 -9.05 -13.12 -26.24
C SER B 120 -9.34 -11.62 -26.14
N LEU B 121 -10.19 -11.24 -25.20
CA LEU B 121 -10.47 -9.83 -24.94
C LEU B 121 -9.20 -9.05 -24.63
N GLU B 122 -8.24 -9.67 -23.93
CA GLU B 122 -7.05 -8.91 -23.56
C GLU B 122 -5.87 -8.87 -24.55
N HIS B 123 -5.81 -9.81 -25.49
CA HIS B 123 -4.63 -9.97 -26.34
C HIS B 123 -5.06 -10.26 -27.77
N GLU B 124 -4.59 -9.44 -28.71
CA GLU B 124 -5.04 -9.52 -30.08
C GLU B 124 -4.68 -10.84 -30.75
N ASP B 125 -3.40 -11.17 -30.66
N ASP B 125 -3.41 -11.19 -30.70
CA ASP B 125 -2.85 -12.35 -31.31
CA ASP B 125 -2.97 -12.40 -31.37
C ASP B 125 -3.37 -13.64 -30.66
C ASP B 125 -3.43 -13.66 -30.66
N THR B 126 -3.58 -13.59 -29.34
CA THR B 126 -4.13 -14.72 -28.60
C THR B 126 -5.58 -14.93 -29.04
N ALA B 127 -6.26 -13.82 -29.31
CA ALA B 127 -7.63 -13.88 -29.82
C ALA B 127 -7.60 -14.54 -31.19
N ALA B 128 -6.66 -14.14 -32.04
CA ALA B 128 -6.53 -14.71 -33.36
C ALA B 128 -6.28 -16.23 -33.30
N ARG B 129 -5.40 -16.65 -32.40
CA ARG B 129 -5.11 -18.09 -32.28
C ARG B 129 -6.32 -18.85 -31.78
N LEU B 130 -6.95 -18.32 -30.76
CA LEU B 130 -8.10 -19.02 -30.19
C LEU B 130 -9.32 -19.04 -31.11
N ARG B 131 -9.42 -18.04 -31.98
CA ARG B 131 -10.50 -17.98 -32.95
C ARG B 131 -10.23 -19.02 -34.02
N GLU B 132 -8.96 -19.12 -34.45
CA GLU B 132 -8.53 -20.19 -35.35
C GLU B 132 -8.76 -21.59 -34.79
N GLY B 133 -8.50 -21.76 -33.50
CA GLY B 133 -8.56 -23.07 -32.88
C GLY B 133 -9.91 -23.48 -32.33
N PHE B 134 -10.81 -22.52 -32.14
CA PHE B 134 -12.11 -22.78 -31.50
C PHE B 134 -13.32 -22.25 -32.26
N SER B 135 -13.40 -20.94 -32.38
CA SER B 135 -14.55 -20.28 -33.00
C SER B 135 -14.68 -20.67 -34.48
N ARG B 136 -13.60 -20.47 -35.24
CA ARG B 136 -13.64 -20.72 -36.69
C ARG B 136 -14.05 -22.18 -37.02
N PRO B 137 -13.41 -23.20 -36.41
CA PRO B 137 -13.90 -24.56 -36.72
C PRO B 137 -15.34 -24.83 -36.28
N LEU B 138 -15.79 -24.22 -35.18
CA LEU B 138 -17.14 -24.50 -34.71
C LEU B 138 -18.19 -23.85 -35.62
N ILE B 139 -17.91 -22.63 -36.09
CA ILE B 139 -18.76 -22.02 -37.10
C ILE B 139 -18.76 -22.87 -38.37
N GLU B 140 -17.56 -23.35 -38.71
CA GLU B 140 -17.36 -24.18 -39.88
C GLU B 140 -18.20 -25.44 -39.83
N SER B 141 -18.31 -26.06 -38.65
CA SER B 141 -19.08 -27.29 -38.53
C SER B 141 -20.52 -27.13 -39.01
N VAL B 142 -21.21 -26.16 -38.43
CA VAL B 142 -22.60 -25.86 -38.76
C VAL B 142 -22.73 -25.39 -40.21
N ARG B 143 -21.91 -24.40 -40.57
CA ARG B 143 -21.94 -23.83 -41.92
C ARG B 143 -21.81 -24.92 -42.99
N ASP B 144 -20.73 -25.68 -42.91
CA ASP B 144 -20.49 -26.82 -43.79
C ASP B 144 -21.69 -27.75 -43.79
N ARG B 145 -22.16 -28.12 -42.60
CA ARG B 145 -23.28 -29.08 -42.54
C ARG B 145 -24.51 -28.59 -43.30
N LEU B 146 -24.76 -27.27 -43.27
CA LEU B 146 -25.86 -26.72 -44.06
C LEU B 146 -25.55 -26.58 -45.56
N ARG B 147 -24.29 -26.30 -45.90
CA ARG B 147 -23.88 -26.24 -47.30
C ARG B 147 -23.67 -27.64 -47.90
N ASP B 148 -23.90 -28.69 -47.10
CA ASP B 148 -23.90 -30.06 -47.63
C ASP B 148 -25.30 -30.40 -48.15
N GLU B 149 -26.31 -29.65 -47.71
CA GLU B 149 -27.54 -29.46 -48.47
C GLU B 149 -27.23 -28.21 -49.26
N ASP B 150 -28.20 -27.51 -49.82
CA ASP B 150 -27.78 -26.34 -50.59
C ASP B 150 -28.41 -25.01 -50.19
N ILE B 151 -28.40 -24.78 -48.87
CA ILE B 151 -28.83 -23.53 -48.29
C ILE B 151 -27.93 -22.45 -48.84
N ASP B 152 -28.50 -21.30 -49.18
CA ASP B 152 -27.72 -20.16 -49.65
C ASP B 152 -26.67 -19.73 -48.59
N ALA B 153 -25.50 -19.32 -49.06
CA ALA B 153 -24.31 -19.09 -48.20
C ALA B 153 -24.52 -18.07 -47.07
N ASP B 154 -25.14 -16.93 -47.39
CA ASP B 154 -25.53 -15.96 -46.38
C ASP B 154 -26.40 -16.58 -45.28
N HIS B 155 -27.32 -17.45 -45.69
CA HIS B 155 -28.25 -18.12 -44.77
C HIS B 155 -27.53 -19.14 -43.89
N ALA B 156 -26.48 -19.75 -44.42
CA ALA B 156 -25.70 -20.70 -43.64
C ALA B 156 -24.84 -19.95 -42.61
N GLN B 157 -24.22 -18.86 -43.05
CA GLN B 157 -23.50 -17.98 -42.13
C GLN B 157 -24.41 -17.56 -40.99
N ALA B 158 -25.49 -16.84 -41.32
CA ALA B 158 -26.43 -16.36 -40.30
C ALA B 158 -27.00 -17.46 -39.38
N ALA B 159 -27.35 -18.61 -39.96
CA ALA B 159 -27.82 -19.75 -39.15
C ALA B 159 -26.78 -20.25 -38.15
N ALA B 160 -25.53 -20.36 -38.61
CA ALA B 160 -24.45 -20.84 -37.76
C ALA B 160 -24.18 -19.85 -36.64
N ASP B 161 -24.13 -18.57 -37.04
CA ASP B 161 -24.10 -17.43 -36.16
C ASP B 161 -25.09 -17.59 -35.02
N ALA B 162 -26.33 -17.92 -35.39
CA ALA B 162 -27.41 -18.05 -34.43
C ALA B 162 -27.33 -19.30 -33.54
N LEU B 163 -26.94 -20.45 -34.09
CA LEU B 163 -26.86 -21.66 -33.26
C LEU B 163 -25.72 -21.59 -32.24
N LEU B 164 -24.51 -21.33 -32.77
CA LEU B 164 -23.34 -21.18 -31.91
C LEU B 164 -23.53 -20.02 -30.93
N GLY B 165 -24.18 -18.96 -31.43
CA GLY B 165 -24.47 -17.79 -30.61
C GLY B 165 -25.33 -18.15 -29.43
N ALA B 166 -26.41 -18.86 -29.71
CA ALA B 166 -27.30 -19.32 -28.66
C ALA B 166 -26.52 -20.10 -27.62
N VAL B 167 -25.78 -21.12 -28.06
CA VAL B 167 -25.09 -21.98 -27.08
C VAL B 167 -24.02 -21.26 -26.22
N VAL B 168 -23.15 -20.51 -26.89
CA VAL B 168 -22.02 -19.86 -26.23
C VAL B 168 -22.44 -18.68 -25.36
N ASN B 169 -23.32 -17.84 -25.89
CA ASN B 169 -23.78 -16.72 -25.08
C ASN B 169 -24.67 -17.19 -23.92
N ALA B 170 -25.40 -18.30 -24.11
CA ALA B 170 -26.20 -18.80 -23.01
C ALA B 170 -25.31 -19.36 -21.91
N VAL B 171 -24.38 -20.24 -22.30
CA VAL B 171 -23.47 -20.77 -21.30
C VAL B 171 -22.76 -19.62 -20.56
N LEU B 172 -22.25 -18.64 -21.30
CA LEU B 172 -21.60 -17.49 -20.68
C LEU B 172 -22.54 -16.65 -19.79
N SER B 173 -23.86 -16.69 -20.03
CA SER B 173 -24.81 -15.92 -19.20
C SER B 173 -25.39 -16.61 -17.97
N GLU B 174 -25.61 -17.93 -18.04
CA GLU B 174 -26.34 -18.64 -16.99
C GLU B 174 -25.54 -19.83 -16.47
N GLY B 175 -24.31 -19.96 -16.97
CA GLY B 175 -23.45 -21.09 -16.67
C GLY B 175 -24.09 -22.46 -16.70
N ARG B 176 -24.01 -23.14 -15.56
CA ARG B 176 -24.45 -24.52 -15.39
C ARG B 176 -25.91 -24.76 -15.81
N SER B 177 -26.80 -23.85 -15.42
CA SER B 177 -28.24 -24.06 -15.59
C SER B 177 -28.71 -23.91 -17.04
N TYR B 178 -27.76 -23.83 -17.97
CA TYR B 178 -28.08 -23.94 -19.37
C TYR B 178 -28.19 -25.44 -19.66
N SER B 179 -29.06 -25.81 -20.59
CA SER B 179 -29.32 -27.23 -20.82
C SER B 179 -29.17 -27.68 -22.27
N ARG B 180 -28.78 -28.93 -22.43
CA ARG B 180 -28.82 -29.62 -23.72
C ARG B 180 -30.15 -29.35 -24.46
N GLN B 181 -31.25 -29.33 -23.71
CA GLN B 181 -32.60 -29.19 -24.26
C GLN B 181 -32.89 -27.85 -24.97
N ARG B 182 -32.51 -26.75 -24.35
CA ARG B 182 -32.69 -25.44 -24.97
C ARG B 182 -31.82 -25.29 -26.22
N ALA B 183 -30.63 -25.85 -26.17
CA ALA B 183 -29.71 -25.77 -27.29
C ALA B 183 -30.23 -26.59 -28.48
N GLU B 184 -30.78 -27.76 -28.18
CA GLU B 184 -31.44 -28.62 -29.17
C GLU B 184 -32.67 -27.98 -29.79
N THR B 185 -33.53 -27.44 -28.94
CA THR B 185 -34.74 -26.75 -29.38
C THR B 185 -34.37 -25.59 -30.28
N SER B 186 -33.34 -24.85 -29.88
CA SER B 186 -32.83 -23.73 -30.65
C SER B 186 -32.35 -24.20 -32.02
N ALA B 187 -31.61 -25.32 -32.03
CA ALA B 187 -31.21 -25.96 -33.29
C ALA B 187 -32.41 -26.25 -34.19
N ARG B 188 -33.45 -26.86 -33.59
CA ARG B 188 -34.66 -27.20 -34.35
C ARG B 188 -35.32 -25.97 -34.94
N ILE B 189 -35.44 -24.91 -34.16
CA ILE B 189 -36.04 -23.68 -34.67
C ILE B 189 -35.24 -23.06 -35.82
N ILE B 190 -33.92 -23.00 -35.65
CA ILE B 190 -33.08 -22.46 -36.71
C ILE B 190 -33.23 -23.28 -38.00
N VAL B 191 -33.08 -24.61 -37.90
CA VAL B 191 -33.17 -25.47 -39.08
C VAL B 191 -34.51 -25.31 -39.77
N ALA B 192 -35.58 -25.36 -38.97
CA ALA B 192 -36.92 -25.19 -39.50
C ALA B 192 -37.08 -23.84 -40.23
N GLY B 193 -36.37 -22.81 -39.76
CA GLY B 193 -36.42 -21.54 -40.45
C GLY B 193 -35.68 -21.54 -41.79
N LEU B 194 -35.15 -22.69 -42.17
CA LEU B 194 -34.42 -22.78 -43.44
C LEU B 194 -35.21 -23.49 -44.53
N ARG B 195 -36.27 -24.20 -44.15
CA ARG B 195 -37.21 -24.78 -45.12
C ARG B 195 -38.11 -23.70 -45.69
N PRO B 196 -38.26 -23.66 -47.03
CA PRO B 196 -39.19 -22.73 -47.67
C PRO B 196 -40.65 -23.05 -47.33
N GLY C 14 -23.69 15.92 9.89
CA GLY C 14 -22.29 15.63 9.62
C GLY C 14 -21.95 15.61 8.15
N SER C 15 -20.73 15.18 7.85
CA SER C 15 -20.24 15.12 6.47
C SER C 15 -21.12 14.24 5.59
N ARG C 16 -21.09 14.49 4.29
CA ARG C 16 -21.83 13.69 3.30
C ARG C 16 -20.98 13.50 2.06
N ARG C 17 -21.41 12.58 1.20
CA ARG C 17 -20.71 12.29 -0.06
C ARG C 17 -20.64 13.51 -0.98
N SER C 18 -19.47 13.74 -1.56
CA SER C 18 -19.23 14.82 -2.54
C SER C 18 -19.69 14.39 -3.92
N GLU C 19 -20.72 15.06 -4.44
CA GLU C 19 -21.19 14.78 -5.77
C GLU C 19 -20.13 15.09 -6.84
N LYS C 20 -19.40 16.19 -6.66
CA LYS C 20 -18.39 16.60 -7.64
C LYS C 20 -17.32 15.52 -7.84
N SER C 21 -16.87 14.97 -6.72
CA SER C 21 -15.88 13.89 -6.74
C SER C 21 -16.44 12.60 -7.36
N ARG C 22 -17.70 12.26 -7.04
CA ARG C 22 -18.31 11.07 -7.63
C ARG C 22 -18.36 11.21 -9.15
N VAL C 23 -18.84 12.36 -9.61
CA VAL C 23 -18.94 12.65 -11.05
C VAL C 23 -17.55 12.57 -11.71
N ALA C 24 -16.53 13.12 -11.05
CA ALA C 24 -15.19 13.15 -11.63
C ALA C 24 -14.59 11.76 -11.74
N ILE C 25 -14.83 10.96 -10.70
CA ILE C 25 -14.39 9.58 -10.69
C ILE C 25 -15.03 8.81 -11.84
N VAL C 26 -16.35 8.90 -11.91
CA VAL C 26 -17.14 8.19 -12.92
C VAL C 26 -16.71 8.55 -14.35
N GLU C 27 -16.59 9.85 -14.62
CA GLU C 27 -16.15 10.31 -15.92
C GLU C 27 -14.72 9.87 -16.27
N ALA C 28 -13.83 9.90 -15.29
CA ALA C 28 -12.43 9.53 -15.50
C ALA C 28 -12.31 8.06 -15.83
N THR C 29 -13.17 7.26 -15.20
CA THR C 29 -13.19 5.82 -15.41
C THR C 29 -13.63 5.56 -16.83
N ARG C 30 -14.72 6.22 -17.22
CA ARG C 30 -15.23 6.09 -18.58
C ARG C 30 -14.12 6.35 -19.60
N ALA C 31 -13.46 7.50 -19.45
CA ALA C 31 -12.36 7.86 -20.34
C ALA C 31 -11.22 6.83 -20.36
N LEU C 32 -10.83 6.35 -19.18
CA LEU C 32 -9.73 5.39 -19.11
C LEU C 32 -10.06 4.03 -19.73
N LEU C 33 -11.29 3.56 -19.54
CA LEU C 33 -11.72 2.34 -20.20
C LEU C 33 -11.65 2.56 -21.70
N LEU C 34 -12.17 3.70 -22.15
CA LEU C 34 -12.12 4.04 -23.57
C LEU C 34 -10.70 4.00 -24.18
N GLU C 35 -9.72 4.58 -23.50
CA GLU C 35 -8.39 4.65 -24.07
C GLU C 35 -7.48 3.45 -23.72
N ARG C 36 -7.90 2.62 -22.76
CA ARG C 36 -7.04 1.55 -22.24
C ARG C 36 -7.69 0.17 -22.14
N GLY C 37 -9.00 0.11 -21.97
CA GLY C 37 -9.66 -1.17 -21.78
C GLY C 37 -9.73 -1.51 -20.30
N PHE C 38 -10.51 -2.54 -19.98
CA PHE C 38 -10.70 -2.93 -18.60
C PHE C 38 -9.38 -3.40 -17.98
N ASP C 39 -8.73 -4.35 -18.63
CA ASP C 39 -7.45 -4.87 -18.18
C ASP C 39 -6.42 -3.76 -18.01
N GLY C 40 -6.56 -2.66 -18.75
CA GLY C 40 -5.66 -1.52 -18.65
C GLY C 40 -6.07 -0.40 -17.67
N LEU C 41 -7.02 -0.69 -16.78
CA LEU C 41 -7.55 0.32 -15.87
C LEU C 41 -7.04 0.15 -14.43
N SER C 42 -6.32 1.16 -13.94
CA SER C 42 -5.96 1.16 -12.52
C SER C 42 -6.73 2.22 -11.76
N ILE C 43 -7.27 1.80 -10.63
CA ILE C 43 -7.71 2.71 -9.58
C ILE C 43 -6.77 3.92 -9.36
N GLU C 44 -5.46 3.71 -9.42
CA GLU C 44 -4.52 4.82 -9.26
C GLU C 44 -4.62 5.82 -10.40
N ALA C 45 -4.72 5.32 -11.62
CA ALA C 45 -4.87 6.19 -12.77
C ALA C 45 -6.17 6.97 -12.70
N VAL C 46 -7.25 6.30 -12.31
CA VAL C 46 -8.54 6.97 -12.16
C VAL C 46 -8.44 8.12 -11.15
N ALA C 47 -7.91 7.82 -9.97
CA ALA C 47 -7.71 8.83 -8.93
C ALA C 47 -6.90 10.02 -9.43
N ALA C 48 -5.77 9.74 -10.07
CA ALA C 48 -4.95 10.81 -10.64
C ALA C 48 -5.78 11.66 -11.59
N LYS C 49 -6.29 11.02 -12.64
CA LYS C 49 -7.05 11.67 -13.71
C LYS C 49 -8.23 12.50 -13.20
N ALA C 50 -8.79 12.09 -12.07
CA ALA C 50 -9.93 12.80 -11.51
C ALA C 50 -9.52 13.76 -10.36
N GLY C 51 -8.22 13.77 -10.02
CA GLY C 51 -7.73 14.67 -9.00
C GLY C 51 -8.30 14.40 -7.63
N VAL C 52 -8.65 13.14 -7.38
CA VAL C 52 -9.18 12.72 -6.08
C VAL C 52 -8.21 11.77 -5.41
N GLY C 53 -8.55 11.37 -4.18
CA GLY C 53 -7.74 10.41 -3.45
C GLY C 53 -8.33 9.03 -3.64
N LYS C 54 -7.45 8.03 -3.83
CA LYS C 54 -7.85 6.61 -3.98
C LYS C 54 -8.98 6.21 -3.04
N GLN C 55 -8.87 6.68 -1.81
CA GLN C 55 -9.79 6.24 -0.77
C GLN C 55 -11.20 6.75 -1.02
N THR C 56 -11.33 7.78 -1.84
CA THR C 56 -12.66 8.29 -2.16
C THR C 56 -13.36 7.29 -3.09
N ILE C 57 -12.55 6.56 -3.85
CA ILE C 57 -13.03 5.46 -4.68
C ILE C 57 -13.34 4.24 -3.81
N TYR C 58 -12.40 3.84 -2.94
CA TYR C 58 -12.62 2.63 -2.11
C TYR C 58 -13.74 2.78 -1.09
N ARG C 59 -14.00 4.01 -0.68
CA ARG C 59 -14.98 4.29 0.35
C ARG C 59 -16.35 3.87 -0.20
N TRP C 60 -16.58 4.15 -1.48
CA TRP C 60 -17.88 3.93 -2.08
C TRP C 60 -18.05 2.66 -2.92
N TRP C 61 -16.99 2.19 -3.56
CA TRP C 61 -17.06 0.96 -4.36
C TRP C 61 -16.11 -0.13 -3.85
N PRO C 62 -16.63 -1.37 -3.69
CA PRO C 62 -15.80 -2.49 -3.18
C PRO C 62 -14.66 -2.90 -4.10
N SER C 63 -14.71 -2.54 -5.37
CA SER C 63 -13.70 -3.00 -6.32
C SER C 63 -13.72 -2.22 -7.62
N ARG C 64 -12.72 -2.49 -8.45
CA ARG C 64 -12.67 -2.06 -9.83
C ARG C 64 -13.99 -2.45 -10.53
N HIS C 65 -14.49 -3.65 -10.19
CA HIS C 65 -15.60 -4.26 -10.90
C HIS C 65 -16.94 -3.58 -10.64
N ALA C 66 -17.22 -3.23 -9.39
CA ALA C 66 -18.41 -2.48 -9.04
C ALA C 66 -18.40 -1.08 -9.62
N LEU C 67 -17.23 -0.44 -9.61
CA LEU C 67 -17.07 0.88 -10.21
C LEU C 67 -17.39 0.82 -11.71
N VAL C 68 -16.74 -0.10 -12.41
CA VAL C 68 -16.94 -0.25 -13.84
C VAL C 68 -18.39 -0.58 -14.19
N ALA C 69 -18.99 -1.49 -13.43
CA ALA C 69 -20.39 -1.83 -13.58
C ALA C 69 -21.27 -0.57 -13.46
N ASP C 70 -21.07 0.23 -12.41
CA ASP C 70 -21.89 1.43 -12.23
C ASP C 70 -21.71 2.40 -13.37
N VAL C 71 -20.51 2.43 -13.94
CA VAL C 71 -20.24 3.32 -15.04
C VAL C 71 -20.91 2.87 -16.35
N LEU C 72 -20.91 1.57 -16.64
CA LEU C 72 -21.61 1.04 -17.81
C LEU C 72 -23.16 1.18 -17.70
N LEU C 73 -23.68 0.90 -16.50
CA LEU C 73 -25.13 0.93 -16.30
C LEU C 73 -25.74 2.29 -16.59
N GLU C 74 -24.98 3.35 -16.36
CA GLU C 74 -25.53 4.69 -16.55
C GLU C 74 -25.49 5.07 -18.03
N ASP C 75 -24.79 4.22 -18.80
CA ASP C 75 -24.69 4.36 -20.25
C ASP C 75 -25.59 3.33 -20.96
N ALA C 76 -26.30 2.51 -20.18
CA ALA C 76 -27.15 1.46 -20.74
C ALA C 76 -28.20 1.90 -21.78
N ASP C 77 -28.61 3.16 -21.74
CA ASP C 77 -29.57 3.62 -22.74
C ASP C 77 -28.91 3.75 -24.12
N LYS C 78 -27.59 3.95 -24.14
CA LYS C 78 -26.83 4.06 -25.39
C LYS C 78 -26.76 2.72 -26.14
N ILE C 79 -27.46 1.71 -25.66
CA ILE C 79 -27.45 0.41 -26.32
C ILE C 79 -28.86 -0.16 -26.49
N LEU C 80 -29.71 0.06 -25.48
CA LEU C 80 -31.08 -0.45 -25.52
C LEU C 80 -32.02 0.50 -26.26
N ALA C 81 -32.29 0.19 -27.53
CA ALA C 81 -33.29 0.92 -28.28
C ALA C 81 -34.64 0.29 -28.03
N ARG C 82 -35.70 1.03 -28.33
CA ARG C 82 -37.05 0.52 -28.22
C ARG C 82 -37.25 -0.67 -29.18
N PRO C 84 -39.62 -2.16 -31.95
CA PRO C 84 -40.71 -1.75 -32.87
C PRO C 84 -41.90 -2.71 -32.85
N LYS C 85 -43.11 -2.18 -32.75
CA LYS C 85 -44.33 -3.00 -32.74
C LYS C 85 -45.20 -2.78 -34.00
N THR C 86 -45.38 -3.84 -34.78
CA THR C 86 -46.15 -3.74 -36.03
C THR C 86 -46.89 -5.05 -36.30
N ASP C 87 -47.74 -5.05 -37.33
CA ASP C 87 -48.40 -6.27 -37.75
C ASP C 87 -47.34 -7.27 -38.23
N ASP C 88 -46.22 -6.75 -38.71
CA ASP C 88 -45.13 -7.58 -39.20
C ASP C 88 -44.08 -7.84 -38.12
N VAL C 89 -44.07 -9.06 -37.62
CA VAL C 89 -43.18 -9.41 -36.53
C VAL C 89 -41.75 -9.68 -37.02
N THR C 90 -41.61 -10.29 -38.20
CA THR C 90 -40.29 -10.55 -38.78
C THR C 90 -39.50 -9.25 -38.95
N ALA C 91 -40.10 -8.27 -39.62
CA ALA C 91 -39.43 -6.99 -39.81
C ALA C 91 -39.16 -6.26 -38.49
N ASP C 92 -39.96 -6.55 -37.47
CA ASP C 92 -39.77 -5.91 -36.16
C ASP C 92 -38.53 -6.44 -35.47
N LEU C 93 -38.42 -7.76 -35.38
CA LEU C 93 -37.24 -8.38 -34.79
C LEU C 93 -35.99 -8.18 -35.66
N ALA C 94 -36.18 -8.01 -36.97
CA ALA C 94 -35.07 -7.80 -37.87
C ALA C 94 -34.51 -6.39 -37.69
N SER C 95 -35.41 -5.43 -37.57
CA SER C 95 -35.00 -4.06 -37.30
C SER C 95 -34.35 -3.99 -35.93
N TRP C 96 -34.89 -4.74 -34.98
CA TRP C 96 -34.40 -4.73 -33.60
C TRP C 96 -32.97 -5.29 -33.53
N ALA C 97 -32.77 -6.44 -34.18
CA ALA C 97 -31.47 -7.09 -34.29
C ALA C 97 -30.46 -6.22 -34.99
N GLY C 98 -30.85 -5.63 -36.12
CA GLY C 98 -29.93 -4.79 -36.87
C GLY C 98 -29.54 -3.53 -36.12
N THR C 99 -30.52 -2.91 -35.45
CA THR C 99 -30.27 -1.70 -34.69
C THR C 99 -29.32 -1.97 -33.52
N LEU C 100 -29.59 -3.05 -32.79
CA LEU C 100 -28.69 -3.48 -31.71
C LEU C 100 -27.28 -3.77 -32.23
N ALA C 101 -27.17 -4.41 -33.39
CA ALA C 101 -25.87 -4.68 -34.02
C ALA C 101 -25.11 -3.39 -34.33
N ALA C 102 -25.80 -2.46 -34.99
CA ALA C 102 -25.24 -1.14 -35.26
C ALA C 102 -24.71 -0.52 -33.98
N ALA C 103 -25.50 -0.61 -32.92
CA ALA C 103 -25.11 -0.05 -31.64
C ALA C 103 -23.84 -0.73 -31.12
N LEU C 104 -23.77 -2.04 -31.27
CA LEU C 104 -22.68 -2.83 -30.72
C LEU C 104 -21.44 -2.84 -31.61
N THR C 105 -21.48 -2.10 -32.71
CA THR C 105 -20.30 -2.01 -33.58
C THR C 105 -19.80 -0.56 -33.75
N THR C 106 -20.43 0.40 -33.07
CA THR C 106 -19.81 1.72 -32.93
C THR C 106 -18.59 1.53 -32.04
N ARG C 107 -17.63 2.45 -32.10
CA ARG C 107 -16.41 2.36 -31.31
C ARG C 107 -16.71 2.11 -29.83
N ARG C 108 -17.55 2.96 -29.23
CA ARG C 108 -17.90 2.79 -27.82
C ARG C 108 -18.89 1.67 -27.59
N GLY C 109 -19.72 1.34 -28.57
CA GLY C 109 -20.61 0.19 -28.44
C GLY C 109 -19.81 -1.08 -28.25
N HIS C 110 -18.82 -1.26 -29.13
CA HIS C 110 -17.85 -2.34 -29.06
C HIS C 110 -17.04 -2.35 -27.77
N ALA C 111 -16.43 -1.21 -27.44
CA ALA C 111 -15.59 -1.13 -26.24
C ALA C 111 -16.44 -1.35 -24.98
N LEU C 113 -19.28 -3.36 -24.98
CA LEU C 113 -19.52 -4.78 -24.95
C LEU C 113 -18.32 -5.57 -24.43
N LYS C 114 -17.13 -5.28 -24.96
CA LYS C 114 -15.89 -5.89 -24.48
C LYS C 114 -15.69 -5.70 -22.99
N THR C 115 -15.77 -4.44 -22.54
CA THR C 115 -15.62 -4.14 -21.14
C THR C 115 -16.65 -4.91 -20.31
N LEU C 116 -17.86 -5.02 -20.87
CA LEU C 116 -18.97 -5.60 -20.14
C LEU C 116 -18.69 -7.08 -19.93
N ALA C 118 -15.63 -8.59 -20.06
CA ALA C 118 -14.46 -8.69 -19.18
C ALA C 118 -14.83 -8.63 -17.69
N ALA C 119 -15.55 -7.55 -17.34
CA ALA C 119 -15.99 -7.35 -15.96
C ALA C 119 -16.90 -8.47 -15.49
N SER C 120 -17.64 -9.07 -16.42
CA SER C 120 -18.59 -10.10 -16.00
C SER C 120 -17.87 -11.41 -15.72
N LEU C 121 -16.90 -11.73 -16.57
CA LEU C 121 -16.08 -12.92 -16.44
C LEU C 121 -15.34 -12.89 -15.12
N GLU C 122 -14.86 -11.70 -14.73
CA GLU C 122 -14.03 -11.62 -13.55
C GLU C 122 -14.75 -11.66 -12.20
N HIS C 123 -16.01 -11.25 -12.16
CA HIS C 123 -16.74 -11.15 -10.90
C HIS C 123 -18.24 -11.45 -11.07
N GLU C 124 -18.73 -12.45 -10.35
CA GLU C 124 -20.10 -12.89 -10.59
C GLU C 124 -21.17 -11.85 -10.22
N ASP C 125 -20.96 -11.13 -9.13
CA ASP C 125 -21.92 -10.10 -8.72
C ASP C 125 -22.12 -9.07 -9.82
N THR C 126 -21.03 -8.54 -10.36
CA THR C 126 -21.16 -7.58 -11.45
C THR C 126 -21.68 -8.21 -12.73
N ALA C 127 -21.48 -9.52 -12.92
CA ALA C 127 -22.08 -10.17 -14.09
C ALA C 127 -23.59 -10.09 -13.92
N ALA C 128 -24.08 -10.46 -12.74
CA ALA C 128 -25.50 -10.41 -12.46
C ALA C 128 -26.10 -9.00 -12.61
N ARG C 129 -25.43 -8.00 -12.04
CA ARG C 129 -25.97 -6.64 -12.12
C ARG C 129 -25.96 -6.11 -13.56
N LEU C 130 -24.83 -6.28 -14.24
CA LEU C 130 -24.76 -5.92 -15.64
C LEU C 130 -25.78 -6.67 -16.48
N ARG C 131 -26.18 -7.85 -16.02
CA ARG C 131 -27.10 -8.64 -16.84
C ARG C 131 -28.54 -8.22 -16.62
N GLU C 132 -28.85 -7.75 -15.43
CA GLU C 132 -30.15 -7.13 -15.21
C GLU C 132 -30.16 -5.76 -15.87
N GLY C 133 -28.97 -5.27 -16.23
CA GLY C 133 -28.88 -3.98 -16.89
C GLY C 133 -28.94 -4.11 -18.40
N PHE C 134 -28.43 -5.23 -18.92
CA PHE C 134 -28.27 -5.38 -20.36
C PHE C 134 -28.93 -6.62 -20.95
N SER C 135 -28.45 -7.80 -20.58
CA SER C 135 -28.98 -9.05 -21.12
C SER C 135 -30.49 -9.16 -20.97
N ARG C 136 -30.93 -9.09 -19.73
CA ARG C 136 -32.33 -9.32 -19.39
C ARG C 136 -33.34 -8.42 -20.13
N PRO C 137 -33.09 -7.10 -20.20
CA PRO C 137 -34.08 -6.27 -20.92
C PRO C 137 -34.17 -6.58 -22.42
N LEU C 138 -33.05 -6.90 -23.04
CA LEU C 138 -33.04 -7.28 -24.46
C LEU C 138 -33.83 -8.56 -24.69
N ILE C 139 -33.44 -9.60 -23.96
CA ILE C 139 -34.12 -10.88 -24.08
C ILE C 139 -35.61 -10.76 -23.79
N GLU C 140 -35.98 -9.89 -22.86
CA GLU C 140 -37.39 -9.70 -22.52
C GLU C 140 -38.14 -8.91 -23.60
N SER C 141 -37.45 -8.02 -24.29
CA SER C 141 -38.04 -7.35 -25.45
C SER C 141 -38.45 -8.43 -26.41
N VAL C 142 -37.52 -9.35 -26.65
CA VAL C 142 -37.81 -10.44 -27.59
C VAL C 142 -38.96 -11.36 -27.12
N ARG C 143 -38.83 -11.91 -25.92
CA ARG C 143 -39.87 -12.80 -25.39
C ARG C 143 -41.25 -12.13 -25.32
N ASP C 144 -41.27 -10.84 -25.04
CA ASP C 144 -42.52 -10.10 -24.98
C ASP C 144 -43.11 -10.04 -26.38
N ARG C 145 -42.25 -9.71 -27.35
CA ARG C 145 -42.68 -9.60 -28.74
C ARG C 145 -43.21 -10.91 -29.31
N LEU C 146 -42.63 -12.03 -28.88
CA LEU C 146 -43.09 -13.34 -29.35
C LEU C 146 -44.32 -13.78 -28.58
N ARG C 147 -44.41 -13.35 -27.33
CA ARG C 147 -45.57 -13.65 -26.51
C ARG C 147 -46.80 -12.91 -27.05
N ASP C 148 -46.58 -11.84 -27.79
CA ASP C 148 -47.69 -11.19 -28.48
C ASP C 148 -48.27 -12.08 -29.59
N GLU C 149 -47.44 -12.94 -30.18
CA GLU C 149 -47.89 -13.80 -31.28
C GLU C 149 -48.20 -15.20 -30.78
N ASP C 150 -48.29 -15.36 -29.46
CA ASP C 150 -48.57 -16.65 -28.83
C ASP C 150 -47.62 -17.76 -29.28
N ILE C 151 -46.41 -17.71 -28.74
CA ILE C 151 -45.39 -18.71 -29.00
C ILE C 151 -44.98 -19.37 -27.68
N ASP C 152 -45.03 -20.70 -27.65
CA ASP C 152 -44.66 -21.48 -26.47
C ASP C 152 -43.32 -21.01 -25.88
N ALA C 153 -43.32 -20.75 -24.57
CA ALA C 153 -42.21 -20.05 -23.92
C ALA C 153 -40.88 -20.76 -24.05
N ASP C 154 -40.90 -22.10 -24.14
CA ASP C 154 -39.66 -22.83 -24.39
C ASP C 154 -39.07 -22.34 -25.71
N HIS C 155 -39.94 -22.26 -26.73
CA HIS C 155 -39.55 -21.81 -28.07
C HIS C 155 -39.16 -20.34 -28.09
N ALA C 156 -39.95 -19.49 -27.44
CA ALA C 156 -39.66 -18.06 -27.43
C ALA C 156 -38.33 -17.81 -26.73
N GLN C 157 -38.02 -18.65 -25.76
CA GLN C 157 -36.74 -18.60 -25.06
C GLN C 157 -35.58 -19.04 -25.98
N ALA C 158 -35.64 -20.25 -26.53
CA ALA C 158 -34.60 -20.69 -27.47
C ALA C 158 -34.37 -19.70 -28.63
N ALA C 159 -35.44 -19.01 -29.02
CA ALA C 159 -35.41 -18.00 -30.07
C ALA C 159 -34.68 -16.74 -29.63
N ALA C 160 -35.12 -16.16 -28.51
CA ALA C 160 -34.48 -14.99 -27.94
C ALA C 160 -32.98 -15.26 -27.69
N ASP C 161 -32.71 -16.47 -27.20
CA ASP C 161 -31.37 -17.03 -27.05
C ASP C 161 -30.56 -16.87 -28.32
N ALA C 162 -31.08 -17.43 -29.41
CA ALA C 162 -30.31 -17.44 -30.66
C ALA C 162 -30.20 -16.06 -31.34
N LEU C 163 -31.23 -15.24 -31.19
CA LEU C 163 -31.18 -13.93 -31.82
C LEU C 163 -30.17 -13.03 -31.12
N LEU C 164 -30.23 -12.95 -29.80
CA LEU C 164 -29.32 -12.08 -29.08
C LEU C 164 -27.90 -12.68 -29.11
N GLY C 165 -27.82 -13.99 -28.92
CA GLY C 165 -26.56 -14.70 -28.99
C GLY C 165 -25.82 -14.54 -30.30
N ALA C 166 -26.57 -14.55 -31.42
CA ALA C 166 -25.97 -14.32 -32.73
C ALA C 166 -25.13 -13.06 -32.75
N VAL C 167 -25.78 -11.96 -32.38
CA VAL C 167 -25.14 -10.65 -32.34
C VAL C 167 -23.99 -10.57 -31.33
N VAL C 168 -24.26 -10.89 -30.08
CA VAL C 168 -23.26 -10.70 -29.02
C VAL C 168 -22.02 -11.54 -29.26
N ASN C 169 -22.24 -12.79 -29.64
CA ASN C 169 -21.13 -13.68 -29.94
C ASN C 169 -20.34 -13.27 -31.18
N ALA C 170 -21.04 -12.83 -32.22
CA ALA C 170 -20.34 -12.41 -33.45
C ALA C 170 -19.47 -11.18 -33.19
N VAL C 171 -20.08 -10.15 -32.61
CA VAL C 171 -19.34 -8.95 -32.24
C VAL C 171 -18.18 -9.22 -31.26
N LEU C 172 -18.29 -10.26 -30.44
CA LEU C 172 -17.14 -10.60 -29.60
C LEU C 172 -16.03 -11.38 -30.35
N SER C 173 -16.41 -12.30 -31.23
CA SER C 173 -15.43 -13.08 -32.01
C SER C 173 -14.77 -12.24 -33.08
N GLU C 174 -15.59 -11.72 -34.00
CA GLU C 174 -15.16 -10.74 -34.99
C GLU C 174 -15.36 -9.36 -34.38
N GLY C 175 -14.99 -8.29 -35.08
CA GLY C 175 -15.10 -6.97 -34.46
C GLY C 175 -16.26 -6.08 -34.87
N ARG C 176 -15.92 -4.88 -35.34
CA ARG C 176 -16.90 -3.95 -35.88
C ARG C 176 -17.24 -4.32 -37.33
N SER C 177 -16.53 -5.31 -37.87
CA SER C 177 -16.74 -5.70 -39.26
C SER C 177 -18.07 -6.43 -39.44
N TYR C 178 -18.53 -7.07 -38.37
CA TYR C 178 -19.82 -7.75 -38.36
C TYR C 178 -20.96 -6.79 -38.72
N SER C 179 -21.64 -7.07 -39.83
CA SER C 179 -22.64 -6.15 -40.34
C SER C 179 -24.07 -6.51 -39.95
N ARG C 180 -24.84 -5.46 -39.66
CA ARG C 180 -26.30 -5.49 -39.57
C ARG C 180 -26.96 -6.65 -40.31
N GLN C 181 -26.59 -6.81 -41.57
CA GLN C 181 -27.27 -7.75 -42.48
C GLN C 181 -27.33 -9.15 -41.92
N ARG C 182 -26.20 -9.62 -41.38
CA ARG C 182 -26.15 -10.97 -40.83
C ARG C 182 -27.12 -11.10 -39.66
N ALA C 183 -27.17 -10.07 -38.84
CA ALA C 183 -28.08 -10.05 -37.69
C ALA C 183 -29.53 -10.09 -38.13
N GLU C 184 -29.85 -9.30 -39.15
CA GLU C 184 -31.22 -9.25 -39.64
C GLU C 184 -31.62 -10.58 -40.29
N THR C 185 -30.71 -11.18 -41.05
CA THR C 185 -30.87 -12.53 -41.60
C THR C 185 -31.13 -13.56 -40.50
N SER C 186 -30.35 -13.50 -39.42
CA SER C 186 -30.52 -14.44 -38.30
C SER C 186 -31.90 -14.25 -37.68
N ALA C 187 -32.32 -12.99 -37.57
CA ALA C 187 -33.65 -12.69 -37.06
C ALA C 187 -34.72 -13.33 -37.97
N ARG C 188 -34.57 -13.18 -39.28
CA ARG C 188 -35.54 -13.75 -40.24
C ARG C 188 -35.62 -15.26 -40.15
N ILE C 189 -34.48 -15.95 -40.28
CA ILE C 189 -34.46 -17.41 -40.14
C ILE C 189 -35.13 -17.87 -38.84
N ILE C 190 -34.58 -17.40 -37.71
CA ILE C 190 -35.13 -17.74 -36.40
C ILE C 190 -36.65 -17.54 -36.34
N VAL C 191 -37.12 -16.38 -36.77
CA VAL C 191 -38.56 -16.12 -36.77
C VAL C 191 -39.34 -17.11 -37.64
N ALA C 192 -38.86 -17.37 -38.85
CA ALA C 192 -39.58 -18.26 -39.76
C ALA C 192 -39.61 -19.66 -39.20
N GLY C 193 -38.64 -20.00 -38.36
CA GLY C 193 -38.63 -21.30 -37.71
C GLY C 193 -39.83 -21.54 -36.82
N LEU C 194 -40.43 -20.45 -36.35
CA LEU C 194 -41.60 -20.53 -35.48
C LEU C 194 -42.87 -20.52 -36.32
N ARG C 195 -43.44 -21.71 -36.55
CA ARG C 195 -44.59 -21.85 -37.45
C ARG C 195 -45.91 -21.97 -36.69
N ARG D 16 23.86 -13.16 -5.79
CA ARG D 16 22.45 -12.88 -5.54
C ARG D 16 22.25 -11.43 -5.06
N ARG D 17 22.47 -11.16 -3.77
CA ARG D 17 22.27 -9.80 -3.25
C ARG D 17 23.20 -8.79 -3.87
N SER D 18 22.63 -7.70 -4.36
CA SER D 18 23.39 -6.64 -4.99
C SER D 18 24.01 -5.72 -3.96
N GLU D 19 25.34 -5.69 -3.97
CA GLU D 19 26.10 -4.55 -3.47
C GLU D 19 25.75 -3.42 -4.44
N LYS D 20 26.15 -2.20 -4.14
CA LYS D 20 25.80 -1.02 -4.96
C LYS D 20 24.35 -0.60 -4.80
N SER D 21 23.42 -1.57 -4.85
CA SER D 21 22.04 -1.28 -4.46
C SER D 21 22.07 -0.90 -2.99
N ARG D 22 22.65 -1.78 -2.19
CA ARG D 22 22.90 -1.54 -0.78
C ARG D 22 23.60 -0.20 -0.49
N VAL D 23 24.77 0.00 -1.10
CA VAL D 23 25.51 1.27 -0.99
C VAL D 23 24.63 2.47 -1.31
N ALA D 24 23.88 2.37 -2.40
CA ALA D 24 23.00 3.44 -2.86
C ALA D 24 21.89 3.76 -1.83
N ILE D 25 21.35 2.71 -1.21
CA ILE D 25 20.33 2.88 -0.19
C ILE D 25 20.89 3.50 1.08
N VAL D 26 22.09 3.09 1.48
CA VAL D 26 22.73 3.66 2.66
C VAL D 26 23.07 5.15 2.45
N GLU D 27 23.59 5.49 1.29
CA GLU D 27 23.89 6.89 1.02
C GLU D 27 22.61 7.69 0.98
N ALA D 28 21.60 7.19 0.25
CA ALA D 28 20.32 7.89 0.16
C ALA D 28 19.71 8.15 1.53
N THR D 29 19.78 7.13 2.39
CA THR D 29 19.26 7.21 3.73
C THR D 29 19.99 8.32 4.48
N ARG D 30 21.32 8.29 4.41
CA ARG D 30 22.15 9.34 5.01
C ARG D 30 21.65 10.72 4.59
N ALA D 31 21.42 10.89 3.29
CA ALA D 31 20.96 12.17 2.76
C ALA D 31 19.62 12.61 3.34
N LEU D 32 18.64 11.71 3.31
CA LEU D 32 17.29 12.06 3.76
C LEU D 32 17.22 12.35 5.26
N LEU D 33 17.93 11.53 6.04
CA LEU D 33 18.05 11.75 7.47
C LEU D 33 18.65 13.13 7.69
N LEU D 34 19.70 13.42 6.93
CA LEU D 34 20.42 14.68 7.03
C LEU D 34 19.47 15.84 6.74
N GLU D 35 18.50 15.62 5.87
CA GLU D 35 17.62 16.72 5.48
C GLU D 35 16.19 16.70 6.06
N ARG D 36 15.74 15.59 6.65
CA ARG D 36 14.29 15.48 6.88
C ARG D 36 13.61 15.53 8.27
N GLY D 37 14.16 14.95 9.34
CA GLY D 37 15.22 13.99 9.37
C GLY D 37 14.50 12.70 9.73
N PHE D 38 14.96 11.96 10.75
CA PHE D 38 14.38 10.64 11.03
C PHE D 38 12.84 10.55 11.01
N ASP D 39 12.15 11.53 11.58
CA ASP D 39 10.70 11.46 11.63
C ASP D 39 10.03 11.61 10.26
N GLY D 40 10.69 12.32 9.35
CA GLY D 40 10.25 12.42 7.96
C GLY D 40 11.13 11.58 7.03
N LEU D 41 11.52 10.41 7.49
CA LEU D 41 12.26 9.48 6.67
C LEU D 41 11.28 8.43 6.24
N SER D 42 11.06 8.32 4.94
CA SER D 42 10.20 7.25 4.42
C SER D 42 11.01 6.34 3.51
N ILE D 43 10.70 5.06 3.58
CA ILE D 43 11.27 4.08 2.69
C ILE D 43 11.09 4.47 1.21
N GLU D 44 9.93 5.00 0.85
CA GLU D 44 9.61 5.32 -0.55
C GLU D 44 10.50 6.46 -1.07
N ALA D 45 10.78 7.42 -0.21
CA ALA D 45 11.68 8.52 -0.56
C ALA D 45 13.09 7.98 -0.73
N VAL D 46 13.46 7.01 0.10
CA VAL D 46 14.78 6.42 0.04
C VAL D 46 14.94 5.64 -1.26
N ALA D 47 13.96 4.79 -1.55
CA ALA D 47 13.93 3.99 -2.75
C ALA D 47 14.09 4.89 -3.95
N ALA D 48 13.23 5.91 -4.03
CA ALA D 48 13.29 6.88 -5.12
C ALA D 48 14.69 7.51 -5.22
N LYS D 49 15.12 8.17 -4.14
CA LYS D 49 16.45 8.80 -4.07
C LYS D 49 17.61 7.88 -4.50
N ALA D 50 17.47 6.59 -4.26
CA ALA D 50 18.54 5.63 -4.56
C ALA D 50 18.35 4.86 -5.89
N GLY D 51 17.23 5.14 -6.57
CA GLY D 51 16.93 4.51 -7.84
C GLY D 51 16.79 3.01 -7.66
N VAL D 52 15.91 2.64 -6.76
CA VAL D 52 15.87 1.28 -6.26
C VAL D 52 14.41 0.91 -5.99
N GLY D 53 14.08 -0.37 -6.05
CA GLY D 53 12.78 -0.82 -5.61
C GLY D 53 12.70 -0.99 -4.09
N LYS D 54 11.64 -0.43 -3.50
CA LYS D 54 11.29 -0.57 -2.08
C LYS D 54 11.66 -1.95 -1.54
N GLN D 55 11.25 -2.97 -2.27
CA GLN D 55 11.43 -4.35 -1.83
C GLN D 55 12.91 -4.70 -1.64
N THR D 56 13.79 -3.90 -2.25
CA THR D 56 15.22 -4.11 -2.02
C THR D 56 15.60 -3.59 -0.62
N ILE D 57 14.76 -2.73 -0.05
CA ILE D 57 15.01 -2.20 1.29
C ILE D 57 14.37 -3.14 2.29
N TYR D 58 13.13 -3.51 1.98
CA TYR D 58 12.37 -4.44 2.82
C TYR D 58 12.97 -5.84 2.90
N ARG D 59 13.76 -6.25 1.93
CA ARG D 59 14.29 -7.62 1.94
C ARG D 59 15.39 -7.82 2.97
N TRP D 60 16.13 -6.74 3.21
CA TRP D 60 17.38 -6.85 3.97
C TRP D 60 17.35 -6.04 5.28
N TRP D 61 16.18 -5.53 5.64
CA TRP D 61 16.05 -4.74 6.86
C TRP D 61 14.68 -4.94 7.46
N PRO D 62 14.64 -5.42 8.72
CA PRO D 62 13.41 -5.77 9.44
C PRO D 62 12.62 -4.53 9.88
N SER D 63 13.24 -3.36 9.79
CA SER D 63 12.60 -2.10 10.20
C SER D 63 13.41 -0.87 9.76
N ARG D 64 12.72 0.27 9.67
CA ARG D 64 13.34 1.57 9.43
C ARG D 64 14.42 1.85 10.49
N HIS D 65 14.21 1.33 11.69
CA HIS D 65 15.16 1.54 12.77
C HIS D 65 16.48 0.77 12.57
N ALA D 66 16.41 -0.45 12.05
CA ALA D 66 17.63 -1.25 11.90
C ALA D 66 18.44 -0.72 10.72
N LEU D 67 17.71 -0.27 9.69
CA LEU D 67 18.29 0.44 8.56
C LEU D 67 19.08 1.66 9.02
N VAL D 68 18.36 2.54 9.71
CA VAL D 68 18.92 3.80 10.23
C VAL D 68 20.10 3.52 11.18
N ALA D 69 19.95 2.52 12.04
CA ALA D 69 21.04 2.09 12.91
C ALA D 69 22.30 1.60 12.16
N ASP D 70 22.14 0.87 11.04
CA ASP D 70 23.32 0.49 10.27
C ASP D 70 23.99 1.74 9.72
N VAL D 71 23.15 2.64 9.21
CA VAL D 71 23.63 3.91 8.67
C VAL D 71 24.36 4.79 9.72
N LEU D 72 23.96 4.66 10.98
CA LEU D 72 24.58 5.46 12.04
C LEU D 72 25.87 4.81 12.49
N LEU D 73 25.86 3.49 12.58
CA LEU D 73 27.02 2.75 13.05
C LEU D 73 28.17 2.78 12.07
N GLU D 74 27.87 3.01 10.80
CA GLU D 74 28.97 3.10 9.83
C GLU D 74 29.71 4.41 9.96
N ASP D 75 29.04 5.39 10.56
CA ASP D 75 29.63 6.72 10.70
C ASP D 75 30.19 6.98 12.09
N ALA D 76 30.39 5.92 12.88
CA ALA D 76 30.98 6.05 14.21
C ALA D 76 32.31 6.79 14.17
N ASP D 77 33.14 6.48 13.18
CA ASP D 77 34.43 7.16 12.99
C ASP D 77 34.31 8.69 12.96
N LYS D 78 33.25 9.19 12.31
CA LYS D 78 33.01 10.64 12.25
C LYS D 78 32.91 11.26 13.64
N ILE D 79 32.42 10.49 14.61
CA ILE D 79 32.27 10.94 16.00
C ILE D 79 33.38 10.44 16.96
N LEU D 80 33.47 9.12 17.15
CA LEU D 80 34.53 8.52 17.95
C LEU D 80 35.95 8.98 17.55
N ALA D 81 36.67 9.62 18.48
CA ALA D 81 38.09 9.96 18.30
C ALA D 81 38.94 9.38 19.43
N ARG D 82 40.20 9.07 19.12
CA ARG D 82 41.10 8.49 20.10
C ARG D 82 41.33 9.47 21.24
N PRO D 84 43.41 11.46 23.72
CA PRO D 84 44.81 11.87 23.83
C PRO D 84 45.38 11.32 25.14
N LYS D 85 46.63 10.87 25.13
CA LYS D 85 47.26 10.45 26.37
C LYS D 85 48.57 11.19 26.61
N THR D 86 48.51 12.24 27.43
CA THR D 86 49.69 13.00 27.82
C THR D 86 49.94 12.92 29.33
N ASP D 87 50.67 13.91 29.84
CA ASP D 87 51.02 13.98 31.25
C ASP D 87 49.96 14.80 31.96
N ASP D 88 49.24 15.58 31.17
CA ASP D 88 48.21 16.49 31.66
C ASP D 88 46.82 15.95 31.34
N VAL D 89 46.24 15.19 32.28
CA VAL D 89 44.93 14.57 32.09
C VAL D 89 43.81 15.60 31.90
N THR D 90 43.97 16.75 32.54
CA THR D 90 43.07 17.88 32.37
C THR D 90 43.06 18.30 30.90
N ALA D 91 44.26 18.47 30.35
CA ALA D 91 44.41 18.89 28.96
C ALA D 91 43.78 17.88 28.03
N ASP D 92 43.99 16.60 28.34
CA ASP D 92 43.54 15.53 27.45
C ASP D 92 42.03 15.49 27.44
N LEU D 93 41.41 15.58 28.61
CA LEU D 93 39.96 15.51 28.66
C LEU D 93 39.30 16.78 28.08
N ALA D 94 39.96 17.92 28.26
CA ALA D 94 39.53 19.15 27.61
C ALA D 94 39.56 19.01 26.07
N SER D 95 40.68 18.52 25.55
CA SER D 95 40.81 18.30 24.10
C SER D 95 39.79 17.29 23.58
N TRP D 96 39.71 16.12 24.21
CA TRP D 96 38.78 15.06 23.82
C TRP D 96 37.34 15.57 23.78
N ALA D 97 36.97 16.36 24.78
CA ALA D 97 35.60 16.83 24.87
C ALA D 97 35.32 17.94 23.88
N GLY D 98 36.32 18.78 23.61
CA GLY D 98 36.14 19.91 22.72
C GLY D 98 36.09 19.40 21.29
N THR D 99 36.92 18.40 21.01
CA THR D 99 36.93 17.68 19.75
C THR D 99 35.61 16.94 19.54
N LEU D 100 35.02 16.44 20.63
CA LEU D 100 33.73 15.77 20.54
C LEU D 100 32.61 16.77 20.26
N ALA D 101 32.66 17.88 20.95
CA ALA D 101 31.59 18.86 20.87
C ALA D 101 31.68 19.61 19.56
N ALA D 102 32.86 19.63 18.96
CA ALA D 102 33.00 20.19 17.63
C ALA D 102 32.29 19.30 16.64
N ALA D 103 32.48 17.99 16.79
CA ALA D 103 31.93 17.04 15.84
C ALA D 103 30.41 16.81 15.94
N LEU D 104 29.77 17.32 16.99
CA LEU D 104 28.33 17.21 17.14
C LEU D 104 27.61 18.54 16.82
N THR D 105 28.40 19.53 16.41
CA THR D 105 27.96 20.90 16.21
C THR D 105 28.01 21.22 14.71
N THR D 106 28.61 20.31 13.94
CA THR D 106 28.54 20.36 12.48
C THR D 106 27.10 20.01 12.06
N ARG D 107 26.70 20.43 10.86
CA ARG D 107 25.40 20.05 10.31
C ARG D 107 25.12 18.55 10.44
N ARG D 108 26.13 17.80 10.02
CA ARG D 108 26.08 16.34 9.95
C ARG D 108 26.08 15.71 11.32
N GLY D 109 27.05 16.08 12.17
CA GLY D 109 27.17 15.48 13.49
C GLY D 109 25.92 15.70 14.35
N HIS D 110 25.33 16.90 14.22
CA HIS D 110 24.11 17.26 14.94
C HIS D 110 22.92 16.42 14.45
N ALA D 111 22.80 16.32 13.11
CA ALA D 111 21.74 15.52 12.53
C ALA D 111 21.88 14.07 12.98
N LEU D 113 23.26 13.04 15.93
CA LEU D 113 22.83 12.91 17.32
C LEU D 113 21.32 12.85 17.43
N LYS D 114 20.63 13.81 16.79
CA LYS D 114 19.17 13.80 16.80
C LYS D 114 18.67 12.43 16.30
N THR D 115 19.23 11.94 15.20
CA THR D 115 18.78 10.68 14.62
C THR D 115 19.02 9.52 15.56
N LEU D 116 20.20 9.50 16.18
CA LEU D 116 20.58 8.46 17.11
C LEU D 116 19.59 8.39 18.27
N ALA D 118 16.37 9.89 18.41
CA ALA D 118 15.08 9.50 17.80
C ALA D 118 14.94 7.99 17.54
N ALA D 119 15.95 7.40 16.91
CA ALA D 119 15.97 5.98 16.59
C ALA D 119 15.92 5.14 17.86
N SER D 120 16.82 5.43 18.80
CA SER D 120 16.85 4.73 20.09
C SER D 120 15.53 4.76 20.88
N LEU D 121 14.90 5.94 20.99
CA LEU D 121 13.62 6.06 21.72
C LEU D 121 12.53 5.08 21.22
N GLU D 122 12.56 4.77 19.93
CA GLU D 122 11.48 4.02 19.28
C GLU D 122 11.52 2.49 19.45
N HIS D 123 12.69 1.93 19.74
CA HIS D 123 12.87 0.48 19.80
C HIS D 123 14.13 0.13 20.57
N GLU D 124 14.01 -0.81 21.51
CA GLU D 124 15.08 -1.11 22.48
C GLU D 124 16.31 -1.84 21.91
N ASP D 125 16.11 -2.68 20.91
CA ASP D 125 17.22 -3.37 20.27
C ASP D 125 18.10 -2.37 19.54
N THR D 126 17.44 -1.37 18.96
CA THR D 126 18.11 -0.30 18.24
C THR D 126 18.89 0.57 19.25
N ALA D 127 18.27 0.78 20.41
CA ALA D 127 18.87 1.65 21.41
C ALA D 127 20.07 0.92 21.95
N ALA D 128 19.96 -0.40 22.07
CA ALA D 128 21.07 -1.21 22.57
C ALA D 128 22.25 -1.24 21.59
N ARG D 129 21.94 -1.36 20.31
CA ARG D 129 23.00 -1.43 19.30
C ARG D 129 23.74 -0.10 19.21
N LEU D 130 22.98 1.01 19.27
CA LEU D 130 23.59 2.34 19.21
C LEU D 130 24.33 2.71 20.49
N ARG D 131 23.77 2.32 21.63
CA ARG D 131 24.44 2.57 22.89
C ARG D 131 25.74 1.77 22.95
N GLU D 132 25.77 0.62 22.28
CA GLU D 132 26.97 -0.22 22.23
C GLU D 132 28.01 0.27 21.22
N GLY D 133 27.53 0.98 20.20
CA GLY D 133 28.44 1.53 19.19
C GLY D 133 28.84 2.96 19.45
N PHE D 134 28.22 3.63 20.43
CA PHE D 134 28.41 5.06 20.64
C PHE D 134 28.64 5.49 22.09
N SER D 135 27.57 5.44 22.89
CA SER D 135 27.64 5.87 24.30
C SER D 135 28.76 5.14 25.05
N ARG D 136 28.70 3.81 25.01
CA ARG D 136 29.66 2.98 25.76
C ARG D 136 31.14 3.16 25.42
N PRO D 137 31.52 3.20 24.13
CA PRO D 137 32.95 3.41 23.86
C PRO D 137 33.46 4.77 24.35
N LEU D 138 32.57 5.76 24.38
CA LEU D 138 32.95 7.09 24.82
C LEU D 138 33.13 7.13 26.34
N ILE D 139 32.13 6.66 27.08
CA ILE D 139 32.26 6.60 28.54
C ILE D 139 33.42 5.67 28.95
N GLU D 140 33.68 4.65 28.14
CA GLU D 140 34.80 3.76 28.40
C GLU D 140 36.10 4.51 28.19
N SER D 141 36.17 5.29 27.12
CA SER D 141 37.31 6.13 26.82
C SER D 141 37.67 7.01 28.03
N VAL D 142 36.69 7.78 28.50
CA VAL D 142 36.89 8.63 29.66
C VAL D 142 37.30 7.86 30.92
N ARG D 143 36.50 6.86 31.28
CA ARG D 143 36.74 6.07 32.47
C ARG D 143 38.16 5.50 32.50
N ASP D 144 38.60 4.95 31.38
CA ASP D 144 39.95 4.39 31.22
C ASP D 144 41.00 5.49 31.39
N ARG D 145 40.75 6.64 30.76
CA ARG D 145 41.69 7.76 30.89
C ARG D 145 41.87 8.18 32.35
N LEU D 146 40.79 8.12 33.13
CA LEU D 146 40.89 8.45 34.55
C LEU D 146 41.47 7.30 35.38
N ARG D 147 41.25 6.07 34.93
CA ARG D 147 41.76 4.90 35.62
C ARG D 147 43.28 4.94 35.59
N ASP D 148 43.81 5.52 34.51
CA ASP D 148 45.23 5.88 34.47
C ASP D 148 45.61 6.66 35.73
N GLU D 149 45.03 7.83 35.92
CA GLU D 149 45.39 8.72 37.03
C GLU D 149 44.96 8.22 38.43
N ASP D 150 44.43 7.00 38.51
CA ASP D 150 44.09 6.38 39.80
C ASP D 150 43.09 7.18 40.64
N ILE D 151 41.80 6.86 40.47
CA ILE D 151 40.68 7.54 41.09
C ILE D 151 39.63 6.50 41.53
N ASP D 152 39.02 6.70 42.69
CA ASP D 152 37.90 5.87 43.15
C ASP D 152 36.88 5.60 42.02
N ALA D 153 36.37 4.38 41.93
CA ALA D 153 35.53 3.98 40.80
C ALA D 153 34.28 4.84 40.64
N ASP D 154 33.59 5.06 41.75
CA ASP D 154 32.40 5.90 41.80
C ASP D 154 32.69 7.32 41.28
N HIS D 155 33.79 7.90 41.74
CA HIS D 155 34.19 9.24 41.32
C HIS D 155 34.47 9.30 39.82
N ALA D 156 35.20 8.32 39.31
CA ALA D 156 35.56 8.21 37.89
C ALA D 156 34.30 8.15 37.03
N GLN D 157 33.46 7.17 37.36
CA GLN D 157 32.15 7.00 36.77
C GLN D 157 31.36 8.32 36.72
N ALA D 158 31.04 8.89 37.88
CA ALA D 158 30.23 10.12 37.91
C ALA D 158 30.92 11.33 37.29
N ALA D 159 32.23 11.23 37.08
CA ALA D 159 32.96 12.28 36.38
C ALA D 159 32.76 12.13 34.88
N ALA D 160 32.75 10.88 34.45
CA ALA D 160 32.56 10.54 33.05
C ALA D 160 31.15 10.89 32.59
N ASP D 161 30.17 10.48 33.40
CA ASP D 161 28.77 10.84 33.21
C ASP D 161 28.56 12.32 32.87
N ALA D 162 29.39 13.17 33.48
CA ALA D 162 29.26 14.61 33.41
C ALA D 162 30.08 15.20 32.28
N LEU D 163 31.19 14.55 31.97
CA LEU D 163 31.98 14.97 30.81
C LEU D 163 31.27 14.69 29.50
N LEU D 164 30.70 13.50 29.36
CA LEU D 164 29.97 13.18 28.13
C LEU D 164 28.61 13.87 28.20
N GLY D 165 27.96 13.73 29.36
CA GLY D 165 26.66 14.32 29.59
C GLY D 165 26.57 15.79 29.26
N ALA D 166 27.56 16.59 29.65
CA ALA D 166 27.51 18.04 29.40
C ALA D 166 27.38 18.31 27.92
N VAL D 167 28.22 17.62 27.14
CA VAL D 167 28.29 17.82 25.69
C VAL D 167 27.05 17.31 24.99
N VAL D 168 26.72 16.05 25.24
CA VAL D 168 25.59 15.40 24.59
C VAL D 168 24.26 16.06 24.92
N ASN D 169 24.06 16.46 26.17
CA ASN D 169 22.79 17.06 26.53
C ASN D 169 22.71 18.53 26.13
N ALA D 170 23.86 19.20 26.12
CA ALA D 170 23.85 20.57 25.60
C ALA D 170 23.45 20.51 24.13
N VAL D 171 24.10 19.63 23.37
CA VAL D 171 23.83 19.57 21.94
C VAL D 171 22.39 19.10 21.67
N LEU D 172 21.89 18.14 22.44
CA LEU D 172 20.50 17.73 22.25
C LEU D 172 19.50 18.84 22.57
N SER D 173 19.86 19.75 23.48
CA SER D 173 18.89 20.79 23.84
C SER D 173 18.94 22.06 22.98
N GLU D 174 20.01 22.83 23.12
CA GLU D 174 20.25 23.94 22.21
C GLU D 174 20.96 23.20 21.13
N GLY D 175 21.30 23.80 20.00
CA GLY D 175 21.79 22.92 18.96
C GLY D 175 23.24 23.13 18.58
N ARG D 176 23.41 23.62 17.37
CA ARG D 176 24.71 24.05 16.86
C ARG D 176 25.11 25.42 17.48
N SER D 177 24.30 25.93 18.40
CA SER D 177 24.67 27.13 19.14
C SER D 177 25.58 26.76 20.32
N TYR D 178 25.67 25.47 20.60
CA TYR D 178 26.58 24.97 21.60
C TYR D 178 28.01 25.05 21.10
N SER D 179 28.94 25.26 22.02
CA SER D 179 30.31 25.63 21.68
C SER D 179 31.36 24.63 22.15
N ARG D 180 32.52 24.71 21.51
CA ARG D 180 33.74 24.05 21.97
C ARG D 180 34.13 24.51 23.39
N GLN D 181 34.22 25.84 23.55
CA GLN D 181 34.63 26.48 24.80
C GLN D 181 33.91 25.90 26.01
N ARG D 182 32.59 25.87 25.95
CA ARG D 182 31.81 25.36 27.08
C ARG D 182 32.20 23.92 27.45
N ALA D 183 32.34 23.08 26.43
CA ALA D 183 32.68 21.68 26.64
C ALA D 183 34.05 21.53 27.32
N GLU D 184 35.05 22.20 26.75
CA GLU D 184 36.40 22.24 27.32
C GLU D 184 36.41 22.73 28.78
N THR D 185 35.76 23.87 29.04
CA THR D 185 35.67 24.40 30.38
C THR D 185 34.99 23.44 31.35
N SER D 186 33.96 22.74 30.88
CA SER D 186 33.28 21.78 31.73
C SER D 186 34.25 20.69 32.10
N ALA D 187 35.05 20.27 31.13
CA ALA D 187 36.06 19.26 31.35
C ALA D 187 37.02 19.73 32.44
N ARG D 188 37.54 20.94 32.27
CA ARG D 188 38.48 21.58 33.19
C ARG D 188 37.95 21.57 34.63
N ILE D 189 36.70 21.97 34.76
CA ILE D 189 36.01 21.97 36.04
C ILE D 189 35.91 20.57 36.67
N ILE D 190 35.40 19.62 35.91
CA ILE D 190 35.23 18.26 36.41
C ILE D 190 36.57 17.67 36.91
N VAL D 191 37.59 17.77 36.07
CA VAL D 191 38.90 17.22 36.40
C VAL D 191 39.52 17.91 37.61
N ALA D 192 39.40 19.24 37.66
CA ALA D 192 39.85 19.98 38.83
C ALA D 192 39.19 19.37 40.05
N GLY D 193 37.91 19.08 39.90
CA GLY D 193 37.11 18.54 40.99
C GLY D 193 37.50 17.15 41.42
N LEU D 194 38.23 16.44 40.58
CA LEU D 194 38.78 15.15 41.01
C LEU D 194 40.05 15.28 41.87
N ARG D 195 40.52 16.49 42.11
CA ARG D 195 41.70 16.69 42.97
C ARG D 195 41.39 16.28 44.41
#